data_1SZE
#
_entry.id   1SZE
#
_cell.length_a   163.027
_cell.length_b   163.027
_cell.length_c   112.473
_cell.angle_alpha   90.00
_cell.angle_beta   90.00
_cell.angle_gamma   120.00
#
_symmetry.space_group_name_H-M   'P 32 2 1'
#
loop_
_entity.id
_entity.type
_entity.pdbx_description
1 polymer 'Cytochrome b2, mitochondrial'
2 non-polymer 'FLAVIN MONONUCLEOTIDE'
3 non-polymer 'BENZOYL-FORMIC ACID'
4 water water
#
_entity_poly.entity_id   1
_entity_poly.type   'polypeptide(L)'
_entity_poly.pdbx_seq_one_letter_code
;EPKLDMNKQKISPAEVAKHNKPDDCWVVINGYVYDLTRFLPNHPGGQDVIKFNAGKDVTAIFEPLHAPNVIDKYIAPEKK
LGPLQGSMPPELVCPPYAPGETKEDIARKEQLKSLLPPLDNIINLYDFEYLASQTLTKQAWAYYSSGANDEVTHRENHNA
YHRIFFKPKILVDVRKVDISTDMLGSHVDVPFYVSATALCKLGNPLEGEKDVARGCGQGVTKVPQMISTAASCSPEEIIE
AAPSDKQIQWYQLYVNSDRKITDDLVKNVEKLGVKALFVTVDAPSLGQREKDMKLKFSNTKAGPKAMKKTNVEESQGASR
ALSKFIDPSLTWKDIEELKKKTKLPIVIKGVQRTEDVIKAAEIGVSGVVLSNHGGRQLDFSRAPIEVLAETMPILEQRNL
KDKLEVFVDGGVRRGTDVLKALCLGAKGVGLGRPFLYANSCYGRNGVEKAIEILRDEIEMSMRLLGVTSIAELKPDLLDL
STLKARTVGVPNDVLYNEVYEGPTLTEFEDA
;
_entity_poly.pdbx_strand_id   A,B
#
loop_
_chem_comp.id
_chem_comp.type
_chem_comp.name
_chem_comp.formula
173 non-polymer 'BENZOYL-FORMIC ACID' 'C8 H6 O3'
FMN non-polymer 'FLAVIN MONONUCLEOTIDE' 'C17 H21 N4 O9 P'
#
# COMPACT_ATOMS: atom_id res chain seq x y z
N GLY A 100 14.61 33.11 11.58
CA GLY A 100 14.92 33.72 10.24
C GLY A 100 13.68 34.06 9.42
N GLU A 101 12.71 34.72 10.06
CA GLU A 101 11.34 34.93 9.54
C GLU A 101 11.08 36.40 9.11
N THR A 102 10.16 36.65 8.15
CA THR A 102 10.22 37.89 7.32
C THR A 102 8.93 38.62 6.89
N LYS A 103 8.13 39.16 7.81
CA LYS A 103 6.73 39.58 7.46
C LYS A 103 6.17 38.70 6.30
N GLU A 104 6.61 37.42 6.32
CA GLU A 104 6.02 36.26 5.62
C GLU A 104 4.89 35.71 6.44
N ASP A 105 5.06 35.79 7.77
CA ASP A 105 4.01 35.58 8.77
C ASP A 105 2.62 35.92 8.26
N ILE A 106 2.51 36.95 7.40
CA ILE A 106 1.22 37.24 6.82
C ILE A 106 0.94 36.21 5.70
N ALA A 107 1.85 36.01 4.75
CA ALA A 107 1.69 34.94 3.73
C ALA A 107 1.23 33.61 4.36
N ARG A 108 1.92 33.23 5.43
CA ARG A 108 1.55 32.09 6.29
C ARG A 108 0.20 32.22 7.02
N LYS A 109 0.04 33.21 7.89
CA LYS A 109 -1.25 33.47 8.60
C LYS A 109 -2.45 33.45 7.66
N GLU A 110 -2.22 33.79 6.39
CA GLU A 110 -3.25 33.85 5.36
C GLU A 110 -3.73 32.46 4.92
N GLN A 111 -2.99 31.44 5.32
CA GLN A 111 -3.25 30.08 4.87
C GLN A 111 -3.84 29.31 6.00
N LEU A 112 -3.19 29.39 7.17
CA LEU A 112 -3.81 28.99 8.42
C LEU A 112 -5.24 29.52 8.25
N LYS A 113 -5.33 30.78 7.81
CA LYS A 113 -6.59 31.48 7.61
C LYS A 113 -7.47 30.67 6.71
N SER A 114 -8.48 30.05 7.32
CA SER A 114 -9.64 29.51 6.61
C SER A 114 -9.31 28.82 5.28
N LEU A 115 -8.01 28.81 4.95
CA LEU A 115 -7.51 28.28 3.69
C LEU A 115 -7.14 26.85 4.01
N LEU A 116 -6.72 26.63 5.26
CA LEU A 116 -6.61 25.31 5.81
C LEU A 116 -7.97 24.72 5.57
N PRO A 117 -8.01 23.51 5.01
CA PRO A 117 -9.28 22.95 4.64
C PRO A 117 -9.89 22.38 5.88
N PRO A 118 -11.17 22.05 5.84
CA PRO A 118 -11.85 21.46 6.99
C PRO A 118 -11.15 20.19 7.47
N LEU A 119 -11.17 19.91 8.77
CA LEU A 119 -10.53 18.71 9.27
C LEU A 119 -11.06 17.41 8.59
N ASP A 120 -12.35 17.36 8.26
CA ASP A 120 -12.90 16.17 7.62
C ASP A 120 -12.43 16.01 6.18
N ASN A 121 -11.61 16.92 5.71
CA ASN A 121 -11.12 16.80 4.35
C ASN A 121 -9.75 16.15 4.24
N ILE A 122 -9.15 15.98 5.42
CA ILE A 122 -7.91 15.25 5.60
C ILE A 122 -8.23 13.75 5.42
N ILE A 123 -7.59 13.19 4.38
CA ILE A 123 -7.71 11.79 4.02
C ILE A 123 -6.67 10.94 4.71
N ASN A 124 -5.42 11.44 4.70
CA ASN A 124 -4.26 10.68 5.21
C ASN A 124 -3.21 11.54 5.92
N LEU A 125 -2.25 10.86 6.54
CA LEU A 125 -1.27 11.49 7.39
C LEU A 125 -0.35 12.38 6.60
N TYR A 126 -0.14 12.04 5.32
CA TYR A 126 0.68 12.90 4.47
C TYR A 126 0.08 14.30 4.26
N ASP A 127 -1.24 14.47 4.46
CA ASP A 127 -1.88 15.77 4.31
C ASP A 127 -1.49 16.75 5.43
N PHE A 128 -1.51 16.31 6.66
CA PHE A 128 -1.01 17.16 7.75
C PHE A 128 0.42 17.62 7.52
N GLU A 129 1.19 16.78 6.85
CA GLU A 129 2.60 17.04 6.72
C GLU A 129 2.78 18.12 5.70
N TYR A 130 1.87 18.20 4.75
CA TYR A 130 2.00 19.17 3.68
C TYR A 130 1.56 20.52 4.18
N LEU A 131 0.33 20.54 4.71
CA LEU A 131 -0.26 21.72 5.33
C LEU A 131 0.69 22.36 6.33
N ALA A 132 1.35 21.51 7.11
CA ALA A 132 2.34 21.96 8.07
C ALA A 132 3.53 22.58 7.35
N SER A 133 3.99 22.00 6.25
CA SER A 133 5.17 22.54 5.57
C SER A 133 4.96 23.98 5.07
N GLN A 134 3.72 24.31 4.69
CA GLN A 134 3.41 25.65 4.21
C GLN A 134 3.09 26.64 5.33
N THR A 135 2.67 26.17 6.51
CA THR A 135 2.23 27.07 7.59
C THR A 135 3.11 27.18 8.83
N LEU A 136 3.88 26.18 9.22
CA LEU A 136 4.85 26.39 10.29
C LEU A 136 5.94 27.47 9.96
N THR A 137 6.41 28.13 11.01
CA THR A 137 7.50 29.09 10.90
C THR A 137 8.75 28.40 10.44
N LYS A 138 9.43 28.99 9.46
CA LYS A 138 10.68 28.47 8.87
C LYS A 138 11.50 27.53 9.77
N GLN A 139 11.62 27.85 11.06
CA GLN A 139 12.47 27.05 11.92
C GLN A 139 11.72 26.05 12.79
N ALA A 140 10.41 26.24 12.98
CA ALA A 140 9.59 25.16 13.48
C ALA A 140 9.60 24.04 12.44
N TRP A 141 9.51 24.41 11.18
CA TRP A 141 9.52 23.41 10.14
C TRP A 141 10.88 22.69 10.07
N ALA A 142 11.96 23.43 10.19
CA ALA A 142 13.27 22.82 10.11
C ALA A 142 13.50 21.90 11.28
N TYR A 143 12.86 22.15 12.40
CA TYR A 143 13.23 21.40 13.59
C TYR A 143 12.41 20.12 13.62
N TYR A 144 11.18 20.21 13.13
CA TYR A 144 10.31 19.04 13.06
C TYR A 144 10.76 18.06 11.97
N SER A 145 10.91 18.60 10.77
CA SER A 145 11.11 17.84 9.54
C SER A 145 12.51 17.23 9.40
N SER A 146 13.47 17.71 10.16
CA SER A 146 14.87 17.45 9.81
C SER A 146 15.41 16.16 10.40
N GLY A 147 16.50 15.68 9.81
CA GLY A 147 17.21 14.55 10.31
C GLY A 147 18.69 14.78 10.22
N ALA A 148 19.46 13.78 10.62
CA ALA A 148 20.89 13.88 10.76
C ALA A 148 21.63 13.84 9.44
N ASN A 149 22.41 14.87 9.20
CA ASN A 149 23.30 14.94 8.06
C ASN A 149 22.52 14.69 6.76
N ASP A 150 23.02 13.85 5.87
CA ASP A 150 22.40 13.61 4.55
C ASP A 150 20.97 13.07 4.56
N GLU A 151 20.50 12.67 5.75
CA GLU A 151 19.10 12.36 6.06
C GLU A 151 18.67 11.00 5.55
N VAL A 152 19.59 10.06 5.38
CA VAL A 152 19.21 8.80 4.74
C VAL A 152 18.44 7.87 5.64
N THR A 153 18.86 7.73 6.90
CA THR A 153 18.17 6.81 7.81
C THR A 153 16.69 7.24 7.98
N HIS A 154 16.51 8.53 8.19
CA HIS A 154 15.21 9.10 8.29
C HIS A 154 14.24 8.63 7.17
N ARG A 155 14.70 8.67 5.92
CA ARG A 155 13.89 8.26 4.78
C ARG A 155 13.78 6.72 4.68
N GLU A 156 14.92 6.08 4.88
CA GLU A 156 15.08 4.64 4.83
C GLU A 156 14.20 3.97 5.90
N ASN A 157 13.83 4.70 6.96
CA ASN A 157 13.02 4.13 8.04
C ASN A 157 11.66 3.78 7.46
N HIS A 158 11.16 4.69 6.66
CA HIS A 158 9.93 4.48 5.94
C HIS A 158 10.09 3.42 4.83
N ASN A 159 11.10 3.60 3.97
CA ASN A 159 11.08 2.86 2.74
C ASN A 159 11.23 1.40 3.04
N ALA A 160 11.97 1.08 4.09
CA ALA A 160 12.09 -0.30 4.52
C ALA A 160 10.73 -1.00 4.67
N TYR A 161 9.73 -0.33 5.27
CA TYR A 161 8.41 -0.93 5.33
C TYR A 161 7.98 -1.52 3.99
N HIS A 162 8.42 -0.87 2.89
CA HIS A 162 8.07 -1.22 1.49
C HIS A 162 8.85 -2.39 0.88
N ARG A 163 9.91 -2.85 1.52
CA ARG A 163 10.49 -4.15 1.17
C ARG A 163 9.68 -5.33 1.78
N ILE A 164 8.57 -5.05 2.47
CA ILE A 164 7.72 -6.11 3.00
C ILE A 164 6.35 -6.08 2.34
N PHE A 165 5.86 -7.28 2.03
CA PHE A 165 4.57 -7.42 1.37
C PHE A 165 3.75 -8.43 2.15
N PHE A 166 2.48 -8.57 1.75
CA PHE A 166 1.47 -9.35 2.46
C PHE A 166 1.07 -10.67 1.80
N LYS A 167 0.63 -11.59 2.63
CA LYS A 167 0.10 -12.87 2.18
C LYS A 167 -1.32 -12.99 2.78
N PRO A 168 -2.24 -12.25 2.20
CA PRO A 168 -3.56 -12.11 2.82
C PRO A 168 -4.29 -13.41 2.81
N LYS A 169 -5.04 -13.69 3.90
CA LYS A 169 -5.96 -14.84 4.01
C LYS A 169 -7.34 -14.40 3.50
N ILE A 170 -7.84 -15.13 2.53
CA ILE A 170 -9.13 -14.91 1.93
C ILE A 170 -10.19 -15.87 2.47
N LEU A 171 -11.44 -15.50 2.26
CA LEU A 171 -12.60 -16.30 2.65
C LEU A 171 -12.66 -16.52 4.19
N VAL A 172 -12.34 -15.45 4.91
CA VAL A 172 -12.37 -15.44 6.37
C VAL A 172 -13.43 -14.45 6.81
N ASP A 173 -14.18 -14.85 7.83
CA ASP A 173 -15.21 -14.01 8.45
C ASP A 173 -14.48 -12.89 9.14
N VAL A 174 -14.44 -11.74 8.44
CA VAL A 174 -13.76 -10.54 8.90
C VAL A 174 -14.79 -9.46 9.12
N ARG A 175 -15.94 -9.84 9.70
CA ARG A 175 -17.03 -8.88 9.93
C ARG A 175 -16.67 -7.94 11.07
N LYS A 176 -15.98 -8.49 12.05
CA LYS A 176 -15.73 -7.87 13.32
C LYS A 176 -14.24 -7.94 13.58
N VAL A 177 -13.66 -6.82 13.97
CA VAL A 177 -12.21 -6.66 14.04
C VAL A 177 -11.80 -5.88 15.28
N ASP A 178 -10.85 -6.38 16.03
CA ASP A 178 -10.49 -5.76 17.28
C ASP A 178 -9.05 -5.29 17.20
N ILE A 179 -8.84 -3.98 17.20
CA ILE A 179 -7.48 -3.48 17.09
C ILE A 179 -6.86 -3.15 18.43
N SER A 180 -7.48 -3.54 19.54
CA SER A 180 -6.92 -3.27 20.85
C SER A 180 -5.91 -4.38 21.22
N THR A 181 -4.93 -4.01 22.04
CA THR A 181 -3.84 -4.88 22.54
C THR A 181 -3.39 -4.35 23.92
N ASP A 182 -2.27 -4.82 24.44
CA ASP A 182 -1.80 -4.36 25.73
C ASP A 182 -0.35 -3.90 25.65
N MET A 183 -0.04 -2.76 26.28
CA MET A 183 1.34 -2.24 26.32
C MET A 183 1.79 -2.01 27.73
N LEU A 184 2.92 -2.60 28.09
CA LEU A 184 3.57 -2.28 29.33
C LEU A 184 2.55 -2.43 30.46
N GLY A 185 1.70 -3.44 30.39
CA GLY A 185 0.79 -3.69 31.49
C GLY A 185 -0.55 -2.97 31.50
N SER A 186 -0.65 -1.80 30.88
CA SER A 186 -1.98 -1.26 30.57
C SER A 186 -2.65 -1.98 29.35
N HIS A 187 -3.97 -1.92 29.26
CA HIS A 187 -4.68 -2.34 28.06
C HIS A 187 -5.03 -1.05 27.32
N VAL A 188 -4.75 -1.01 26.03
CA VAL A 188 -4.93 0.19 25.20
C VAL A 188 -5.89 -0.07 24.05
N ASP A 189 -6.42 1.01 23.48
CA ASP A 189 -7.45 0.87 22.44
C ASP A 189 -6.88 0.49 21.11
N VAL A 190 -5.57 0.64 20.99
CA VAL A 190 -4.94 0.81 19.70
C VAL A 190 -3.49 0.36 19.83
N PRO A 191 -2.92 -0.21 18.75
CA PRO A 191 -1.59 -0.80 18.82
C PRO A 191 -0.49 0.19 18.42
N PHE A 192 -0.80 1.48 18.51
CA PHE A 192 0.17 2.54 18.24
C PHE A 192 0.15 3.62 19.31
N TYR A 193 1.21 4.41 19.30
CA TYR A 193 1.40 5.43 20.30
C TYR A 193 2.06 6.65 19.71
N VAL A 194 1.92 7.77 20.42
CA VAL A 194 2.55 9.04 20.09
C VAL A 194 3.91 9.08 20.81
N SER A 195 5.00 8.93 20.06
CA SER A 195 6.33 9.01 20.64
C SER A 195 6.55 10.42 21.12
N ALA A 196 7.53 10.57 21.99
CA ALA A 196 7.89 11.88 22.51
C ALA A 196 8.52 12.78 21.46
N THR A 197 8.24 14.05 21.58
CA THR A 197 8.62 15.04 20.60
C THR A 197 8.83 16.34 21.37
N ALA A 198 10.05 16.85 21.42
CA ALA A 198 10.28 18.09 22.16
C ALA A 198 9.72 19.35 21.47
N LEU A 199 9.48 20.42 22.23
CA LEU A 199 9.09 21.77 21.76
C LEU A 199 7.85 21.86 20.86
N CYS A 200 6.70 21.46 21.38
CA CYS A 200 5.49 21.43 20.59
C CYS A 200 4.86 22.80 20.48
N LYS A 201 5.41 23.79 21.17
CA LYS A 201 4.87 25.12 21.03
C LYS A 201 5.40 25.79 19.76
N LEU A 202 6.53 25.35 19.22
CA LEU A 202 7.01 25.97 17.98
C LEU A 202 5.91 25.95 16.92
N GLY A 203 5.05 24.92 16.96
CA GLY A 203 4.01 24.75 15.95
C GLY A 203 2.58 24.85 16.45
N ASN A 204 2.43 24.87 17.78
CA ASN A 204 1.13 25.01 18.48
C ASN A 204 1.44 25.84 19.72
N PRO A 205 1.58 27.15 19.54
CA PRO A 205 2.23 28.01 20.55
C PRO A 205 1.41 28.12 21.83
N LEU A 206 0.08 28.10 21.67
CA LEU A 206 -0.84 28.21 22.79
C LEU A 206 -0.87 27.01 23.76
N GLU A 207 -0.83 25.79 23.23
CA GLU A 207 -1.15 24.62 24.04
C GLU A 207 -0.11 23.53 24.00
N GLY A 208 0.62 23.44 22.90
CA GLY A 208 1.71 22.48 22.80
C GLY A 208 1.29 21.07 23.17
N GLU A 209 2.01 20.51 24.16
CA GLU A 209 1.89 19.09 24.43
C GLU A 209 0.56 18.79 25.06
N LYS A 210 -0.02 19.79 25.74
CA LYS A 210 -1.32 19.67 26.38
C LYS A 210 -2.40 19.30 25.38
N ASP A 211 -2.33 19.92 24.20
CA ASP A 211 -3.22 19.61 23.08
C ASP A 211 -3.01 18.21 22.53
N VAL A 212 -1.80 17.68 22.57
CA VAL A 212 -1.70 16.32 22.11
C VAL A 212 -2.38 15.48 23.19
N ALA A 213 -2.06 15.70 24.47
CA ALA A 213 -2.67 14.93 25.58
C ALA A 213 -4.20 14.86 25.52
N ARG A 214 -4.83 15.91 25.01
CA ARG A 214 -6.30 15.95 24.80
C ARG A 214 -6.72 15.21 23.53
N GLY A 215 -6.01 15.46 22.43
CA GLY A 215 -6.24 14.72 21.22
C GLY A 215 -6.27 13.22 21.48
N CYS A 216 -5.41 12.77 22.39
CA CYS A 216 -5.24 11.36 22.64
C CYS A 216 -6.32 10.81 23.52
N GLY A 217 -6.62 11.50 24.62
CA GLY A 217 -7.61 11.04 25.58
C GLY A 217 -9.06 11.46 25.37
N GLN A 218 -9.35 12.25 24.36
CA GLN A 218 -10.69 12.79 24.27
C GLN A 218 -11.73 11.95 23.50
N GLY A 219 -11.35 11.31 22.40
CA GLY A 219 -12.32 10.67 21.52
C GLY A 219 -12.75 9.28 21.98
N VAL A 220 -13.58 8.61 21.19
CA VAL A 220 -13.92 7.19 21.49
C VAL A 220 -12.68 6.27 21.44
N THR A 221 -11.69 6.66 20.62
CA THR A 221 -10.45 5.92 20.50
C THR A 221 -9.30 6.68 21.17
N LYS A 222 -8.68 6.07 22.19
CA LYS A 222 -7.60 6.72 22.94
C LYS A 222 -6.27 5.93 22.97
N VAL A 223 -5.19 6.71 22.98
CA VAL A 223 -3.88 6.36 22.51
C VAL A 223 -2.84 6.84 23.48
N PRO A 224 -1.86 6.01 23.79
CA PRO A 224 -0.82 6.37 24.75
C PRO A 224 -0.02 7.55 24.30
N GLN A 225 0.39 8.40 25.23
CA GLN A 225 1.24 9.55 24.91
C GLN A 225 2.49 9.46 25.73
N MET A 226 3.61 9.30 25.06
CA MET A 226 4.90 9.57 25.62
C MET A 226 5.12 11.09 25.62
N ILE A 227 5.58 11.60 26.77
CA ILE A 227 5.85 13.03 27.02
C ILE A 227 7.37 13.29 27.06
N SER A 228 7.83 14.24 26.24
CA SER A 228 9.26 14.59 26.18
C SER A 228 9.79 15.24 27.46
N THR A 229 11.00 14.84 27.83
CA THR A 229 11.70 15.40 28.98
C THR A 229 11.89 16.87 28.76
N ALA A 230 12.06 17.28 27.49
CA ALA A 230 12.26 18.68 27.11
C ALA A 230 11.04 19.25 26.37
N ALA A 231 9.88 18.92 26.89
CA ALA A 231 8.63 19.45 26.37
C ALA A 231 8.50 20.87 26.89
N SER A 232 7.95 21.76 26.05
CA SER A 232 7.56 23.12 26.44
C SER A 232 6.84 23.15 27.79
N CYS A 233 5.83 22.32 27.94
CA CYS A 233 4.97 22.37 29.10
C CYS A 233 5.52 21.50 30.22
N SER A 234 4.93 21.65 31.39
CA SER A 234 5.31 20.80 32.52
C SER A 234 4.56 19.46 32.43
N PRO A 235 5.11 18.40 32.99
CA PRO A 235 4.37 17.15 33.11
C PRO A 235 3.08 17.40 33.89
N GLU A 236 3.21 18.15 34.99
CA GLU A 236 2.07 18.67 35.73
C GLU A 236 0.99 19.18 34.79
N GLU A 237 1.35 20.09 33.91
CA GLU A 237 0.42 20.72 32.97
C GLU A 237 -0.17 19.77 31.95
N ILE A 238 0.64 18.80 31.51
CA ILE A 238 0.24 17.90 30.42
C ILE A 238 -0.63 16.77 30.95
N ILE A 239 -0.41 16.41 32.21
CA ILE A 239 -1.16 15.35 32.85
C ILE A 239 -2.51 15.89 33.29
N GLU A 240 -2.52 17.10 33.84
CA GLU A 240 -3.77 17.75 34.21
C GLU A 240 -4.61 18.00 32.95
N ALA A 241 -3.94 18.14 31.81
CA ALA A 241 -4.65 18.35 30.56
C ALA A 241 -5.44 17.15 30.01
N ALA A 242 -5.12 15.96 30.50
CA ALA A 242 -5.74 14.72 30.02
C ALA A 242 -7.25 14.69 30.24
N PRO A 243 -8.02 14.42 29.18
CA PRO A 243 -9.46 14.24 29.30
C PRO A 243 -10.00 12.99 30.00
N SER A 244 -9.30 11.84 29.95
CA SER A 244 -9.75 10.54 30.59
C SER A 244 -8.82 10.02 31.64
N ASP A 245 -9.39 9.41 32.68
CA ASP A 245 -8.57 8.61 33.62
C ASP A 245 -8.03 7.39 32.92
N LYS A 246 -8.86 6.84 32.03
CA LYS A 246 -8.55 5.59 31.36
C LYS A 246 -7.39 5.76 30.34
N GLN A 247 -7.12 7.01 29.93
CA GLN A 247 -6.10 7.27 28.88
C GLN A 247 -4.76 7.14 29.53
N ILE A 248 -3.77 6.69 28.77
CA ILE A 248 -2.48 6.36 29.39
C ILE A 248 -1.37 7.29 28.86
N GLN A 249 -0.50 7.76 29.75
CA GLN A 249 0.60 8.66 29.40
C GLN A 249 1.91 8.11 29.98
N TRP A 250 2.96 8.02 29.16
CA TRP A 250 4.27 7.53 29.57
C TRP A 250 5.26 8.70 29.68
N TYR A 251 6.42 8.48 30.33
CA TYR A 251 7.41 9.55 30.43
C TYR A 251 8.71 9.25 29.73
N GLN A 252 9.13 10.15 28.86
CA GLN A 252 10.39 9.99 28.17
C GLN A 252 11.44 10.70 28.97
N LEU A 253 12.44 9.95 29.41
CA LEU A 253 13.45 10.47 30.31
C LEU A 253 14.77 10.61 29.60
N TYR A 254 15.35 11.80 29.66
CA TYR A 254 16.79 11.97 29.46
C TYR A 254 17.42 12.08 30.85
N VAL A 255 18.33 11.18 31.20
CA VAL A 255 19.01 11.32 32.50
C VAL A 255 20.05 12.46 32.41
N ASN A 256 19.93 13.42 33.31
CA ASN A 256 20.83 14.56 33.40
C ASN A 256 22.13 14.03 33.89
N SER A 257 23.24 14.72 33.66
CA SER A 257 24.52 14.28 34.22
C SER A 257 24.61 14.64 35.71
N ASP A 258 23.65 15.44 36.17
CA ASP A 258 23.39 15.68 37.60
C ASP A 258 22.24 14.78 38.02
N ARG A 259 22.59 13.54 38.35
CA ARG A 259 21.61 12.52 38.72
C ARG A 259 20.66 12.86 39.89
N LYS A 260 20.87 14.00 40.56
CA LYS A 260 19.89 14.48 41.54
C LYS A 260 18.67 14.98 40.78
N ILE A 261 18.87 15.95 39.89
CA ILE A 261 17.81 16.47 39.04
C ILE A 261 17.01 15.26 38.53
N THR A 262 17.68 14.18 38.16
CA THR A 262 16.96 13.09 37.54
C THR A 262 16.12 12.29 38.54
N ASP A 263 16.73 11.94 39.67
CA ASP A 263 16.05 11.30 40.80
C ASP A 263 14.80 12.08 41.20
N ASP A 264 14.89 13.40 41.15
CA ASP A 264 13.77 14.26 41.49
C ASP A 264 12.67 14.10 40.47
N LEU A 265 13.09 14.00 39.21
CA LEU A 265 12.15 13.96 38.10
C LEU A 265 11.37 12.67 38.12
N VAL A 266 12.07 11.55 38.28
CA VAL A 266 11.39 10.28 38.26
C VAL A 266 10.36 10.27 39.36
N LYS A 267 10.77 10.66 40.55
CA LYS A 267 9.90 10.74 41.73
C LYS A 267 8.69 11.61 41.41
N ASN A 268 8.95 12.77 40.84
CA ASN A 268 7.88 13.70 40.50
C ASN A 268 6.83 13.05 39.58
N VAL A 269 7.27 12.32 38.56
CA VAL A 269 6.35 11.85 37.53
C VAL A 269 5.66 10.56 37.92
N GLU A 270 6.17 9.78 38.87
CA GLU A 270 5.40 8.60 39.28
C GLU A 270 4.32 9.10 40.23
N LYS A 271 4.64 10.13 41.01
CA LYS A 271 3.62 10.81 41.81
C LYS A 271 2.51 11.31 40.86
N LEU A 272 2.86 11.89 39.70
CA LEU A 272 1.84 12.47 38.83
C LEU A 272 1.08 11.42 38.04
N GLY A 273 1.51 10.17 38.12
CA GLY A 273 0.71 9.06 37.64
C GLY A 273 1.03 8.58 36.26
N VAL A 274 2.25 8.83 35.79
CA VAL A 274 2.67 8.26 34.51
C VAL A 274 2.89 6.73 34.65
N LYS A 275 2.75 6.00 33.54
CA LYS A 275 2.68 4.55 33.59
C LYS A 275 3.97 3.81 33.16
N ALA A 276 4.98 4.55 32.69
CA ALA A 276 6.28 3.97 32.29
C ALA A 276 7.39 5.02 32.08
N LEU A 277 8.63 4.57 32.09
CA LEU A 277 9.75 5.46 31.82
C LEU A 277 10.48 4.97 30.57
N PHE A 278 10.49 5.82 29.53
CA PHE A 278 11.17 5.56 28.28
C PHE A 278 12.45 6.37 28.39
N VAL A 279 13.55 5.71 28.73
CA VAL A 279 14.85 6.35 28.87
C VAL A 279 15.54 6.31 27.53
N THR A 280 15.80 7.48 26.98
CA THR A 280 16.38 7.60 25.66
C THR A 280 17.91 7.45 25.68
N VAL A 281 18.41 6.50 24.94
CA VAL A 281 19.83 6.20 24.97
C VAL A 281 20.57 6.45 23.66
N ASP A 282 19.83 6.98 22.68
CA ASP A 282 20.38 7.23 21.36
C ASP A 282 20.78 8.69 21.08
N ALA A 283 21.12 9.45 22.14
CA ALA A 283 21.46 10.88 22.02
C ALA A 283 22.60 11.37 22.94
N PRO A 284 23.61 10.53 23.21
CA PRO A 284 24.71 10.96 24.09
C PRO A 284 25.31 12.26 23.59
N SER A 285 25.36 12.37 22.26
CA SER A 285 25.68 13.61 21.56
C SER A 285 24.49 13.92 20.74
N LEU A 286 24.15 15.17 20.58
CA LEU A 286 22.92 15.51 19.92
C LEU A 286 23.16 15.58 18.45
N GLY A 287 22.41 14.80 17.67
CA GLY A 287 22.56 14.72 16.22
C GLY A 287 22.53 16.04 15.43
N GLN A 288 23.31 16.08 14.35
CA GLN A 288 23.57 17.29 13.59
C GLN A 288 22.60 17.47 12.42
N ARG A 289 21.58 18.28 12.64
CA ARG A 289 20.49 18.45 11.70
C ARG A 289 20.67 19.76 10.98
N GLU A 290 21.02 19.67 9.70
CA GLU A 290 21.65 20.77 8.99
C GLU A 290 20.67 21.76 8.40
N LYS A 291 19.40 21.43 8.27
CA LYS A 291 18.40 22.40 7.78
C LYS A 291 18.23 23.45 8.85
N ASP A 292 18.37 23.00 10.09
CA ASP A 292 18.22 23.81 11.28
C ASP A 292 19.38 24.75 11.44
N MET A 293 20.59 24.20 11.36
CA MET A 293 21.82 24.98 11.39
C MET A 293 21.87 26.06 10.28
N LYS A 294 21.34 25.72 9.10
CA LYS A 294 21.38 26.57 7.92
C LYS A 294 20.48 27.76 8.05
N LEU A 295 19.89 27.93 9.22
CA LEU A 295 18.93 28.99 9.41
C LEU A 295 19.53 30.07 10.26
N LYS A 296 20.09 29.67 11.40
CA LYS A 296 20.76 30.61 12.30
C LYS A 296 21.55 31.66 11.49
N PHE A 297 22.47 31.25 10.61
CA PHE A 297 23.23 32.25 9.83
C PHE A 297 22.41 32.98 8.73
N ALA A 318 32.64 20.14 18.74
CA ALA A 318 32.08 18.82 19.05
C ALA A 318 31.64 18.65 20.52
N SER A 319 32.42 19.21 21.45
CA SER A 319 31.98 19.34 22.86
C SER A 319 30.80 20.27 22.94
N ARG A 320 30.61 21.12 21.92
CA ARG A 320 29.39 21.91 21.81
C ARG A 320 28.14 21.00 21.63
N ALA A 321 28.17 20.00 20.73
CA ALA A 321 27.00 19.07 20.60
C ALA A 321 26.88 18.00 21.71
N LEU A 322 27.80 18.02 22.68
CA LEU A 322 27.61 17.42 24.02
C LEU A 322 26.99 18.45 24.98
N SER A 323 26.36 17.96 26.04
CA SER A 323 25.73 18.87 27.01
C SER A 323 25.38 18.22 28.37
N LYS A 324 25.30 19.07 29.39
CA LYS A 324 25.00 18.63 30.77
C LYS A 324 23.64 17.95 30.87
N PHE A 325 22.70 18.47 30.10
CA PHE A 325 21.30 18.10 30.21
C PHE A 325 20.97 16.67 29.75
N ILE A 326 21.87 16.05 28.97
CA ILE A 326 21.73 14.66 28.52
C ILE A 326 23.06 13.98 28.67
N ASP A 327 23.16 13.08 29.64
CA ASP A 327 24.44 12.60 30.12
C ASP A 327 24.98 11.61 29.11
N PRO A 328 26.18 11.89 28.56
CA PRO A 328 26.78 11.06 27.52
C PRO A 328 27.44 9.82 28.06
N SER A 329 27.59 9.74 29.37
CA SER A 329 28.11 8.55 30.00
C SER A 329 27.05 7.54 30.51
N LEU A 330 25.83 7.58 29.98
CA LEU A 330 24.79 6.74 30.59
C LEU A 330 25.14 5.29 30.28
N THR A 331 25.03 4.39 31.25
CA THR A 331 25.53 3.02 31.08
C THR A 331 24.53 1.99 31.50
N TRP A 332 24.74 0.75 31.07
CA TRP A 332 23.88 -0.35 31.48
C TRP A 332 23.72 -0.43 32.98
N LYS A 333 24.82 -0.13 33.70
CA LYS A 333 24.87 -0.20 35.15
C LYS A 333 23.94 0.86 35.72
N ASP A 334 23.99 2.10 35.19
CA ASP A 334 22.98 3.14 35.45
C ASP A 334 21.53 2.65 35.29
N ILE A 335 21.15 2.14 34.13
CA ILE A 335 19.77 1.70 33.95
C ILE A 335 19.42 0.64 35.01
N GLU A 336 20.36 -0.22 35.37
CA GLU A 336 20.14 -1.27 36.39
C GLU A 336 19.79 -0.65 37.76
N GLU A 337 20.50 0.42 38.09
CA GLU A 337 20.19 1.26 39.24
C GLU A 337 18.91 2.04 39.07
N LEU A 338 18.60 2.50 37.88
CA LEU A 338 17.36 3.25 37.66
C LEU A 338 16.21 2.35 38.06
N LYS A 339 16.36 1.07 37.78
CA LYS A 339 15.31 0.08 37.93
C LYS A 339 15.00 -0.20 39.40
N LYS A 340 16.04 -0.15 40.24
CA LYS A 340 15.93 -0.27 41.69
C LYS A 340 15.16 0.92 42.28
N LYS A 341 15.47 2.12 41.81
CA LYS A 341 14.88 3.35 42.38
C LYS A 341 13.41 3.60 41.99
N THR A 342 12.80 2.73 41.18
CA THR A 342 11.42 2.97 40.76
C THR A 342 10.57 1.72 40.44
N LYS A 343 9.28 1.89 40.69
CA LYS A 343 8.29 0.85 40.54
C LYS A 343 7.77 0.88 39.10
N LEU A 344 8.15 1.93 38.39
CA LEU A 344 7.68 2.13 37.05
C LEU A 344 8.39 1.21 36.07
N PRO A 345 7.63 0.60 35.17
CA PRO A 345 8.23 -0.20 34.10
C PRO A 345 9.18 0.65 33.25
N ILE A 346 10.33 0.09 32.87
CA ILE A 346 11.34 0.86 32.18
C ILE A 346 11.51 0.36 30.76
N VAL A 347 11.52 1.31 29.82
CA VAL A 347 11.75 0.98 28.43
C VAL A 347 12.99 1.73 27.95
N ILE A 348 13.94 0.98 27.39
CA ILE A 348 15.15 1.56 26.82
C ILE A 348 14.84 1.98 25.41
N LYS A 349 14.72 3.28 25.20
CA LYS A 349 14.34 3.81 23.90
C LYS A 349 15.58 4.24 23.14
N GLY A 350 15.82 3.55 22.02
CA GLY A 350 16.86 3.94 21.08
C GLY A 350 17.84 2.85 20.71
N VAL A 351 17.38 1.60 20.75
CA VAL A 351 18.23 0.43 20.47
C VAL A 351 18.35 0.12 18.96
N GLN A 352 19.56 -0.11 18.46
CA GLN A 352 19.77 -0.22 17.01
C GLN A 352 20.39 -1.54 16.50
N ARG A 353 20.37 -2.57 17.35
CA ARG A 353 20.95 -3.86 17.04
C ARG A 353 20.47 -4.85 18.05
N THR A 354 20.41 -6.10 17.61
CA THR A 354 19.87 -7.21 18.40
C THR A 354 20.70 -7.44 19.68
N GLU A 355 22.01 -7.23 19.56
CA GLU A 355 22.93 -7.38 20.67
C GLU A 355 22.46 -6.58 21.91
N ASP A 356 22.06 -5.33 21.73
CA ASP A 356 21.51 -4.51 22.84
C ASP A 356 20.04 -4.83 23.28
N VAL A 357 19.26 -5.49 22.46
CA VAL A 357 18.00 -6.02 22.96
C VAL A 357 18.28 -7.15 23.97
N ILE A 358 19.30 -7.97 23.70
CA ILE A 358 19.62 -9.07 24.60
C ILE A 358 20.18 -8.51 25.91
N LYS A 359 21.21 -7.67 25.82
CA LYS A 359 21.68 -6.92 26.99
C LYS A 359 20.51 -6.37 27.86
N ALA A 360 19.43 -5.92 27.24
CA ALA A 360 18.31 -5.32 27.98
C ALA A 360 17.42 -6.39 28.63
N ALA A 361 17.23 -7.49 27.94
CA ALA A 361 16.55 -8.65 28.51
C ALA A 361 17.30 -9.20 29.71
N GLU A 362 18.60 -8.94 29.72
CA GLU A 362 19.46 -9.49 30.74
C GLU A 362 19.37 -8.64 32.00
N ILE A 363 19.51 -7.33 31.91
CA ILE A 363 19.19 -6.52 33.10
C ILE A 363 17.67 -6.52 33.51
N GLY A 364 16.84 -7.30 32.82
CA GLY A 364 15.46 -7.48 33.21
C GLY A 364 14.54 -6.28 33.12
N VAL A 365 14.80 -5.40 32.17
CA VAL A 365 14.05 -4.15 32.02
C VAL A 365 12.72 -4.54 31.33
N SER A 366 11.69 -3.73 31.41
CA SER A 366 10.36 -4.11 30.84
C SER A 366 10.30 -4.17 29.30
N GLY A 367 11.19 -3.45 28.61
CA GLY A 367 11.13 -3.35 27.17
C GLY A 367 12.10 -2.36 26.56
N VAL A 368 11.89 -2.09 25.28
CA VAL A 368 12.90 -1.54 24.40
C VAL A 368 12.18 -0.93 23.20
N VAL A 369 12.62 0.20 22.67
CA VAL A 369 12.10 0.69 21.39
C VAL A 369 13.22 0.51 20.42
N LEU A 370 13.01 -0.24 19.35
CA LEU A 370 13.99 -0.24 18.30
C LEU A 370 13.74 1.09 17.59
N SER A 371 14.77 1.94 17.58
CA SER A 371 14.58 3.32 17.19
C SER A 371 15.92 3.95 16.96
N ASN A 372 15.99 4.84 15.97
CA ASN A 372 17.16 5.68 15.71
C ASN A 372 16.72 7.13 15.69
N HIS A 373 15.69 7.43 16.49
CA HIS A 373 15.32 8.80 16.86
C HIS A 373 14.74 9.56 15.67
N GLY A 374 13.99 8.85 14.84
CA GLY A 374 13.40 9.46 13.65
C GLY A 374 14.46 9.98 12.68
N GLY A 375 15.64 9.38 12.75
CA GLY A 375 16.71 9.63 11.81
C GLY A 375 17.38 10.95 12.09
N ARG A 376 17.55 11.24 13.37
CA ARG A 376 17.97 12.55 13.78
C ARG A 376 19.28 12.52 14.51
N GLN A 377 19.83 11.32 14.69
CA GLN A 377 21.09 11.15 15.39
C GLN A 377 22.19 10.63 14.46
N LEU A 378 22.26 9.31 14.25
CA LEU A 378 23.33 8.67 13.51
C LEU A 378 22.83 8.27 12.14
N ASP A 379 23.34 8.92 11.09
CA ASP A 379 22.98 8.50 9.75
C ASP A 379 23.58 7.11 9.49
N PHE A 380 22.88 6.31 8.70
CA PHE A 380 23.16 4.87 8.47
C PHE A 380 22.88 3.95 9.64
N SER A 381 22.07 4.43 10.59
CA SER A 381 21.39 3.48 11.43
C SER A 381 20.37 2.78 10.56
N ARG A 382 20.21 1.49 10.79
CA ARG A 382 19.22 0.73 10.09
C ARG A 382 17.81 1.13 10.47
N ALA A 383 16.92 0.90 9.52
CA ALA A 383 15.48 0.90 9.73
C ALA A 383 15.09 0.00 10.89
N PRO A 384 14.51 0.53 11.97
CA PRO A 384 13.94 -0.29 13.02
C PRO A 384 13.10 -1.52 12.60
N ILE A 385 12.28 -1.41 11.56
CA ILE A 385 11.53 -2.59 11.12
C ILE A 385 12.45 -3.74 10.74
N GLU A 386 13.59 -3.42 10.13
CA GLU A 386 14.63 -4.36 9.77
C GLU A 386 15.30 -4.95 11.00
N VAL A 387 15.63 -4.13 11.98
CA VAL A 387 16.22 -4.66 13.19
C VAL A 387 15.19 -5.58 13.87
N LEU A 388 13.92 -5.15 13.83
CA LEU A 388 12.84 -5.90 14.44
C LEU A 388 12.82 -7.32 13.91
N ALA A 389 12.95 -7.43 12.61
CA ALA A 389 12.65 -8.66 11.91
C ALA A 389 13.75 -9.68 12.16
N GLU A 390 14.98 -9.21 12.38
CA GLU A 390 16.08 -10.10 12.74
C GLU A 390 16.10 -10.36 14.26
N THR A 391 15.83 -9.31 15.04
CA THR A 391 15.73 -9.42 16.49
C THR A 391 14.72 -10.49 16.96
N MET A 392 13.46 -10.40 16.57
CA MET A 392 12.47 -11.28 17.20
C MET A 392 12.78 -12.76 17.10
N PRO A 393 13.10 -13.28 15.92
CA PRO A 393 13.44 -14.70 15.82
C PRO A 393 14.50 -15.10 16.89
N ILE A 394 15.60 -14.37 17.01
CA ILE A 394 16.55 -14.58 18.09
C ILE A 394 15.87 -14.53 19.47
N LEU A 395 14.97 -13.58 19.70
CA LEU A 395 14.25 -13.56 20.99
C LEU A 395 13.49 -14.87 21.28
N GLU A 396 13.12 -15.67 20.25
CA GLU A 396 12.62 -17.05 20.44
C GLU A 396 13.76 -18.08 20.66
N GLN A 397 14.66 -18.22 19.70
CA GLN A 397 15.91 -19.01 19.86
C GLN A 397 16.61 -18.99 21.25
N ARG A 398 16.32 -17.99 22.09
CA ARG A 398 16.89 -17.90 23.47
C ARG A 398 15.77 -17.73 24.52
N ASN A 399 14.57 -18.14 24.13
CA ASN A 399 13.32 -17.97 24.89
C ASN A 399 13.31 -16.78 25.85
N LEU A 400 13.58 -15.59 25.30
CA LEU A 400 13.26 -14.34 25.96
C LEU A 400 12.04 -13.69 25.28
N LYS A 401 11.17 -14.54 24.70
CA LYS A 401 10.09 -14.09 23.81
C LYS A 401 9.15 -13.05 24.42
N ASP A 402 8.58 -13.41 25.56
CA ASP A 402 7.60 -12.57 26.20
C ASP A 402 8.15 -12.13 27.54
N LYS A 403 9.43 -11.80 27.54
CA LYS A 403 10.15 -11.37 28.72
C LYS A 403 10.47 -9.87 28.57
N LEU A 404 10.12 -9.31 27.42
CA LEU A 404 10.60 -8.00 26.98
C LEU A 404 9.74 -7.56 25.80
N GLU A 405 9.09 -6.41 25.94
CA GLU A 405 8.17 -5.85 24.92
C GLU A 405 9.01 -4.99 24.03
N VAL A 406 8.93 -5.24 22.73
CA VAL A 406 9.77 -4.57 21.76
C VAL A 406 8.90 -3.64 20.98
N PHE A 407 9.11 -2.34 21.15
CA PHE A 407 8.45 -1.32 20.35
C PHE A 407 9.31 -0.86 19.17
N VAL A 408 8.72 -0.06 18.31
CA VAL A 408 9.35 0.30 17.05
C VAL A 408 8.81 1.63 16.57
N ASP A 409 9.69 2.46 16.02
CA ASP A 409 9.28 3.80 15.52
C ASP A 409 10.19 4.29 14.41
N GLY A 410 9.81 5.40 13.79
CA GLY A 410 10.49 5.89 12.60
C GLY A 410 9.83 5.50 11.28
N GLY A 411 9.31 6.50 10.59
CA GLY A 411 8.86 6.35 9.21
C GLY A 411 7.53 5.68 9.04
N VAL A 412 6.79 5.52 10.14
CA VAL A 412 5.49 4.89 10.09
C VAL A 412 4.51 5.96 9.68
N ARG A 413 3.80 5.75 8.59
CA ARG A 413 2.84 6.73 8.07
C ARG A 413 1.53 6.17 7.58
N ARG A 414 1.51 4.84 7.37
CA ARG A 414 0.30 4.12 6.99
C ARG A 414 -0.04 3.01 7.98
N GLY A 415 -1.32 2.68 8.04
CA GLY A 415 -1.74 1.56 8.85
C GLY A 415 -1.13 0.25 8.39
N THR A 416 -0.81 0.09 7.11
CA THR A 416 -0.15 -1.15 6.71
C THR A 416 1.28 -1.21 7.21
N ASP A 417 1.86 -0.04 7.46
CA ASP A 417 3.17 0.02 8.10
C ASP A 417 3.07 -0.58 9.49
N VAL A 418 2.09 -0.12 10.24
CA VAL A 418 1.88 -0.60 11.59
C VAL A 418 1.70 -2.10 11.57
N LEU A 419 1.01 -2.63 10.55
CA LEU A 419 0.62 -4.05 10.58
C LEU A 419 1.82 -4.95 10.47
N LYS A 420 2.75 -4.55 9.62
CA LYS A 420 3.95 -5.29 9.36
C LYS A 420 4.76 -5.41 10.66
N ALA A 421 4.87 -4.34 11.41
CA ALA A 421 5.66 -4.38 12.64
C ALA A 421 4.96 -5.27 13.67
N LEU A 422 3.65 -5.12 13.79
CA LEU A 422 2.91 -6.00 14.64
C LEU A 422 3.05 -7.47 14.21
N CYS A 423 3.04 -7.74 12.91
CA CYS A 423 3.15 -9.11 12.42
C CYS A 423 4.54 -9.69 12.68
N LEU A 424 5.56 -8.86 12.81
CA LEU A 424 6.90 -9.35 13.13
C LEU A 424 7.07 -9.53 14.65
N GLY A 425 6.12 -9.03 15.44
CA GLY A 425 6.17 -9.18 16.89
C GLY A 425 6.32 -7.96 17.78
N ALA A 426 6.36 -6.75 17.23
CA ALA A 426 6.36 -5.56 18.05
C ALA A 426 5.10 -5.48 18.89
N LYS A 427 5.27 -4.92 20.08
CA LYS A 427 4.18 -4.84 21.02
C LYS A 427 3.33 -3.61 20.75
N GLY A 428 3.96 -2.58 20.17
CA GLY A 428 3.28 -1.39 19.72
C GLY A 428 4.19 -0.58 18.81
N VAL A 429 3.63 0.33 17.99
CA VAL A 429 4.47 1.10 17.08
C VAL A 429 4.15 2.58 17.19
N GLY A 430 5.22 3.37 17.36
CA GLY A 430 5.19 4.81 17.57
C GLY A 430 5.42 5.68 16.36
N LEU A 431 4.84 6.87 16.48
CA LEU A 431 4.77 7.89 15.49
C LEU A 431 5.12 9.20 16.17
N GLY A 432 5.91 10.01 15.47
CA GLY A 432 6.30 11.32 15.97
C GLY A 432 5.81 12.46 15.09
N ARG A 433 6.54 12.70 14.01
CA ARG A 433 6.29 13.88 13.20
C ARG A 433 4.84 14.06 12.75
N PRO A 434 4.14 12.99 12.39
CA PRO A 434 2.75 13.10 11.92
C PRO A 434 1.83 13.69 12.97
N PHE A 435 2.01 13.33 14.23
CA PHE A 435 1.18 13.87 15.30
C PHE A 435 1.62 15.30 15.56
N LEU A 436 2.88 15.59 15.25
CA LEU A 436 3.41 16.93 15.44
C LEU A 436 2.79 17.82 14.44
N TYR A 437 2.72 17.35 13.21
CA TYR A 437 2.24 18.16 12.13
C TYR A 437 0.71 18.39 12.24
N ALA A 438 -0.01 17.35 12.67
CA ALA A 438 -1.45 17.41 12.86
C ALA A 438 -1.80 18.37 13.99
N ASN A 439 -1.12 18.22 15.13
CA ASN A 439 -1.24 19.16 16.23
C ASN A 439 -0.86 20.59 15.83
N SER A 440 0.07 20.74 14.89
CA SER A 440 0.53 22.08 14.48
C SER A 440 -0.38 22.79 13.51
N CYS A 441 -1.29 22.10 12.87
CA CYS A 441 -2.23 22.74 11.97
C CYS A 441 -3.61 22.83 12.62
N TYR A 442 -3.97 21.82 13.40
CA TYR A 442 -5.34 21.63 13.86
C TYR A 442 -5.43 21.39 15.37
N GLY A 443 -4.32 21.61 16.05
CA GLY A 443 -4.23 21.40 17.48
C GLY A 443 -4.88 20.10 17.80
N ARG A 444 -5.69 20.08 18.84
CA ARG A 444 -6.09 18.84 19.46
C ARG A 444 -7.04 17.92 18.68
N ASN A 445 -7.95 18.51 17.94
CA ASN A 445 -8.80 17.78 17.03
C ASN A 445 -8.05 17.35 15.80
N GLY A 446 -6.88 17.93 15.57
CA GLY A 446 -5.93 17.40 14.60
C GLY A 446 -5.43 16.06 15.06
N VAL A 447 -4.88 16.04 16.26
CA VAL A 447 -4.34 14.83 16.82
C VAL A 447 -5.37 13.74 16.76
N GLU A 448 -6.58 14.00 17.25
CA GLU A 448 -7.61 12.97 17.24
C GLU A 448 -7.88 12.45 15.83
N LYS A 449 -7.93 13.36 14.86
CA LYS A 449 -8.20 12.96 13.48
C LYS A 449 -7.14 11.96 12.94
N ALA A 450 -5.89 12.18 13.33
CA ALA A 450 -4.82 11.31 12.88
C ALA A 450 -4.97 9.94 13.52
N ILE A 451 -5.23 9.90 14.84
CA ILE A 451 -5.54 8.67 15.57
C ILE A 451 -6.62 7.96 14.82
N GLU A 452 -7.63 8.74 14.51
CA GLU A 452 -8.81 8.26 13.82
C GLU A 452 -8.52 7.71 12.43
N ILE A 453 -7.64 8.41 11.72
CA ILE A 453 -7.28 8.11 10.35
C ILE A 453 -6.44 6.85 10.29
N LEU A 454 -5.55 6.72 11.25
CA LEU A 454 -4.57 5.65 11.29
C LEU A 454 -5.26 4.42 11.83
N ARG A 455 -6.22 4.64 12.71
CA ARG A 455 -6.99 3.55 13.29
C ARG A 455 -7.78 2.89 12.20
N ASP A 456 -8.40 3.72 11.36
CA ASP A 456 -9.28 3.25 10.33
C ASP A 456 -8.48 2.51 9.29
N GLU A 457 -7.24 2.96 9.11
CA GLU A 457 -6.35 2.31 8.16
C GLU A 457 -6.02 0.91 8.66
N ILE A 458 -5.75 0.80 9.96
CA ILE A 458 -5.37 -0.47 10.53
C ILE A 458 -6.56 -1.42 10.45
N GLU A 459 -7.77 -0.92 10.65
CA GLU A 459 -8.93 -1.80 10.68
C GLU A 459 -9.18 -2.36 9.30
N MET A 460 -9.11 -1.51 8.28
CA MET A 460 -9.50 -1.98 6.96
C MET A 460 -8.46 -2.93 6.41
N SER A 461 -7.23 -2.57 6.59
CA SER A 461 -6.15 -3.41 6.18
C SER A 461 -6.16 -4.74 6.92
N MET A 462 -6.59 -4.76 8.18
CA MET A 462 -6.76 -6.02 8.88
C MET A 462 -7.82 -6.92 8.24
N ARG A 463 -8.96 -6.36 7.88
CA ARG A 463 -9.99 -7.17 7.26
C ARG A 463 -9.41 -7.84 6.03
N LEU A 464 -8.90 -7.02 5.10
CA LEU A 464 -8.35 -7.46 3.83
C LEU A 464 -7.11 -8.37 3.96
N LEU A 465 -6.42 -8.29 5.09
CA LEU A 465 -5.34 -9.18 5.40
C LEU A 465 -5.87 -10.56 5.82
N GLY A 466 -7.15 -10.61 6.21
CA GLY A 466 -7.80 -11.81 6.72
C GLY A 466 -7.70 -12.15 8.22
N VAL A 467 -7.35 -11.18 9.07
CA VAL A 467 -7.38 -11.42 10.53
C VAL A 467 -8.36 -10.49 11.26
N THR A 468 -8.72 -10.88 12.49
CA THR A 468 -9.67 -10.13 13.32
C THR A 468 -9.11 -9.61 14.66
N SER A 469 -7.95 -10.04 15.09
CA SER A 469 -7.39 -9.42 16.29
C SER A 469 -5.90 -9.09 16.16
N ILE A 470 -5.34 -8.40 17.15
CA ILE A 470 -3.92 -8.10 17.12
C ILE A 470 -3.10 -9.34 17.38
N ALA A 471 -3.60 -10.25 18.21
CA ALA A 471 -2.86 -11.49 18.47
C ALA A 471 -2.75 -12.38 17.21
N GLU A 472 -3.67 -12.20 16.26
CA GLU A 472 -3.66 -12.98 15.03
C GLU A 472 -2.66 -12.47 13.99
N LEU A 473 -2.02 -11.34 14.30
CA LEU A 473 -1.10 -10.72 13.36
C LEU A 473 0.23 -11.36 13.61
N LYS A 474 0.54 -12.39 12.82
CA LYS A 474 1.83 -13.09 12.90
C LYS A 474 2.61 -13.04 11.58
N PRO A 475 3.86 -13.51 11.60
CA PRO A 475 4.70 -13.54 10.40
C PRO A 475 4.18 -14.36 9.20
N ASP A 476 3.25 -15.32 9.39
CA ASP A 476 2.74 -16.17 8.28
C ASP A 476 2.05 -15.32 7.21
N LEU A 477 1.81 -14.05 7.56
CA LEU A 477 1.04 -13.13 6.75
C LEU A 477 1.93 -12.23 5.97
N LEU A 478 3.20 -12.16 6.38
CA LEU A 478 4.14 -11.36 5.65
C LEU A 478 4.90 -12.19 4.67
N ASP A 479 5.15 -11.57 3.53
CA ASP A 479 6.15 -12.01 2.58
C ASP A 479 7.46 -11.29 2.86
N LEU A 480 8.38 -12.00 3.52
CA LEU A 480 9.65 -11.45 3.97
C LEU A 480 10.83 -11.62 3.01
N SER A 481 10.62 -12.15 1.81
CA SER A 481 11.73 -12.66 0.96
C SER A 481 12.66 -11.60 0.40
N THR A 482 12.15 -10.36 0.28
CA THR A 482 12.85 -9.22 -0.34
C THR A 482 13.10 -8.10 0.65
N LEU A 483 13.07 -8.46 1.94
CA LEU A 483 13.32 -7.57 3.08
C LEU A 483 14.71 -6.94 3.06
N LYS A 484 15.68 -7.70 2.54
CA LYS A 484 17.10 -7.32 2.51
C LYS A 484 17.55 -6.76 1.16
N ALA A 485 16.61 -6.37 0.30
CA ALA A 485 16.96 -5.84 -0.99
C ALA A 485 17.17 -4.35 -0.84
N ARG A 486 17.91 -3.95 0.18
CA ARG A 486 18.35 -2.58 0.28
C ARG A 486 19.44 -2.36 -0.76
N THR A 487 19.07 -1.73 -1.88
CA THR A 487 19.97 -1.55 -3.04
C THR A 487 20.58 -0.17 -3.13
N VAL A 488 21.79 -0.07 -3.68
CA VAL A 488 22.29 1.20 -4.20
C VAL A 488 22.65 0.91 -5.64
N GLY A 489 21.95 1.53 -6.59
CA GLY A 489 22.14 1.19 -7.98
C GLY A 489 23.39 1.84 -8.44
N VAL A 490 23.93 1.38 -9.55
CA VAL A 490 25.16 1.95 -10.11
C VAL A 490 24.77 3.25 -10.79
N PRO A 491 25.64 4.24 -10.72
CA PRO A 491 25.28 5.60 -11.13
C PRO A 491 24.89 5.57 -12.58
N ASN A 492 23.83 6.18 -13.10
CA ASN A 492 23.73 5.89 -14.52
C ASN A 492 24.22 6.89 -15.53
N ASP A 493 23.97 6.53 -16.75
CA ASP A 493 24.79 6.84 -17.86
C ASP A 493 24.21 8.12 -18.40
N VAL A 494 24.70 9.27 -17.93
CA VAL A 494 23.94 10.50 -18.16
C VAL A 494 23.84 10.74 -19.65
N LEU A 495 24.85 10.30 -20.39
CA LEU A 495 25.00 10.50 -21.82
C LEU A 495 24.12 9.52 -22.60
N TYR A 496 24.10 8.26 -22.21
CA TYR A 496 23.27 7.29 -22.90
C TYR A 496 21.82 7.74 -22.76
N ASN A 497 21.41 8.10 -21.55
CA ASN A 497 20.03 8.57 -21.27
C ASN A 497 19.71 9.94 -21.84
N GLU A 498 20.74 10.78 -21.97
CA GLU A 498 20.59 12.15 -22.50
C GLU A 498 20.06 12.08 -23.90
N VAL A 499 20.76 11.34 -24.77
CA VAL A 499 20.38 11.22 -26.18
C VAL A 499 19.25 10.25 -26.45
N TYR A 500 18.95 9.39 -25.48
CA TYR A 500 17.85 8.47 -25.68
C TYR A 500 16.52 9.24 -25.57
N GLU A 501 15.65 8.93 -26.52
CA GLU A 501 14.31 9.48 -26.60
C GLU A 501 13.34 8.35 -26.42
N GLY A 502 12.39 8.57 -25.52
CA GLY A 502 11.46 7.53 -25.15
C GLY A 502 10.25 7.46 -26.07
N PRO A 503 9.58 6.32 -26.03
CA PRO A 503 8.33 6.22 -26.76
C PRO A 503 7.45 7.34 -26.28
N THR A 504 6.24 7.36 -26.83
CA THR A 504 5.42 8.55 -26.93
C THR A 504 3.97 8.09 -27.01
N LEU A 505 3.05 8.87 -26.47
CA LEU A 505 1.61 8.58 -26.58
C LEU A 505 1.01 9.22 -27.85
N THR A 506 -0.14 8.72 -28.31
CA THR A 506 -0.81 9.34 -29.46
C THR A 506 -1.54 10.60 -28.99
N GLU A 507 -2.12 11.37 -29.91
CA GLU A 507 -2.06 12.81 -29.68
C GLU A 507 -3.31 13.72 -29.48
N PHE A 508 -4.38 13.58 -30.27
CA PHE A 508 -5.43 14.64 -30.42
C PHE A 508 -4.98 15.63 -31.54
N GLU A 509 -5.88 16.08 -32.41
CA GLU A 509 -5.43 16.66 -33.71
C GLU A 509 -4.99 18.15 -33.78
N ASP A 510 -5.94 19.08 -33.70
CA ASP A 510 -5.63 20.50 -33.88
C ASP A 510 -6.84 21.45 -33.89
N ALA A 511 -6.88 22.38 -32.93
CA ALA A 511 -7.95 23.40 -32.88
C ALA A 511 -7.93 24.25 -31.61
CA GLY B 100 -14.88 19.81 -10.11
C GLY B 100 -15.41 19.65 -11.54
N GLU B 101 -16.71 19.39 -11.66
CA GLU B 101 -17.43 19.35 -12.96
C GLU B 101 -17.68 20.88 -13.41
N THR B 102 -17.24 21.37 -14.59
CA THR B 102 -17.01 22.85 -14.66
C THR B 102 -17.01 23.68 -16.00
N LYS B 103 -17.99 23.51 -16.91
CA LYS B 103 -17.92 24.15 -18.26
C LYS B 103 -16.44 24.23 -18.78
N GLU B 104 -15.77 23.10 -18.55
CA GLU B 104 -14.47 22.73 -19.06
C GLU B 104 -14.60 21.22 -19.34
N ASP B 105 -15.75 20.62 -19.01
CA ASP B 105 -16.30 19.51 -19.81
C ASP B 105 -16.69 20.05 -21.22
N ILE B 106 -16.21 21.26 -21.48
CA ILE B 106 -16.37 21.96 -22.74
C ILE B 106 -15.04 21.82 -23.46
N ALA B 107 -13.94 22.05 -22.73
CA ALA B 107 -12.62 21.55 -23.15
C ALA B 107 -12.66 20.03 -23.35
N ARG B 108 -13.38 19.31 -22.51
CA ARG B 108 -13.52 17.87 -22.67
C ARG B 108 -14.20 17.55 -23.97
N LYS B 109 -15.34 18.16 -24.25
CA LYS B 109 -16.11 17.77 -25.43
C LYS B 109 -15.39 18.18 -26.72
N GLU B 110 -14.54 19.21 -26.65
CA GLU B 110 -13.57 19.54 -27.72
C GLU B 110 -12.78 18.27 -28.09
N GLN B 111 -12.07 17.72 -27.10
CA GLN B 111 -11.12 16.64 -27.28
C GLN B 111 -11.77 15.45 -27.92
N LEU B 112 -12.85 14.91 -27.33
CA LEU B 112 -13.42 13.68 -27.87
C LEU B 112 -14.07 13.91 -29.24
N LYS B 113 -14.48 15.16 -29.47
CA LYS B 113 -15.03 15.57 -30.77
C LYS B 113 -13.92 15.46 -31.78
N SER B 114 -14.02 14.44 -32.66
CA SER B 114 -13.20 14.30 -33.88
C SER B 114 -11.69 14.42 -33.61
N LEU B 115 -11.34 14.94 -32.42
CA LEU B 115 -9.97 15.32 -32.08
C LEU B 115 -9.32 14.02 -31.64
N LEU B 116 -10.16 13.10 -31.14
CA LEU B 116 -9.79 11.70 -31.05
C LEU B 116 -9.19 11.29 -32.37
N PRO B 117 -8.01 10.69 -32.35
CA PRO B 117 -7.41 10.25 -33.60
C PRO B 117 -8.20 9.07 -34.16
N PRO B 118 -8.15 8.91 -35.48
CA PRO B 118 -8.75 7.75 -36.13
C PRO B 118 -8.46 6.49 -35.33
N LEU B 119 -9.49 5.72 -35.02
CA LEU B 119 -9.32 4.49 -34.24
C LEU B 119 -8.15 3.62 -34.73
N ASP B 120 -7.83 3.63 -36.02
CA ASP B 120 -6.67 2.84 -36.51
C ASP B 120 -5.39 3.69 -36.54
N ASN B 121 -5.28 4.60 -35.59
CA ASN B 121 -4.02 5.25 -35.27
C ASN B 121 -3.60 4.87 -33.86
N ILE B 122 -4.37 4.00 -33.23
CA ILE B 122 -4.05 3.55 -31.91
C ILE B 122 -3.13 2.34 -32.03
N ILE B 123 -2.05 2.38 -31.26
CA ILE B 123 -1.04 1.34 -31.28
C ILE B 123 -1.02 0.48 -30.02
N ASN B 124 -1.06 1.16 -28.86
CA ASN B 124 -1.03 0.49 -27.56
C ASN B 124 -2.34 0.62 -26.87
N LEU B 125 -2.41 -0.15 -25.78
CA LEU B 125 -3.41 -0.04 -24.76
C LEU B 125 -3.15 1.20 -23.95
N TYR B 126 -1.92 1.69 -23.96
CA TYR B 126 -1.57 2.92 -23.26
C TYR B 126 -2.22 4.11 -23.95
N ASP B 127 -2.31 4.05 -25.28
CA ASP B 127 -2.86 5.13 -26.09
C ASP B 127 -4.31 5.39 -25.68
N PHE B 128 -5.10 4.32 -25.56
CA PHE B 128 -6.44 4.39 -24.99
C PHE B 128 -6.41 5.14 -23.65
N GLU B 129 -5.56 4.66 -22.74
CA GLU B 129 -5.44 5.24 -21.41
C GLU B 129 -5.08 6.71 -21.44
N TYR B 130 -4.19 7.16 -22.31
CA TYR B 130 -3.89 8.59 -22.36
C TYR B 130 -5.14 9.34 -22.75
N LEU B 131 -5.78 8.87 -23.82
CA LEU B 131 -6.94 9.56 -24.39
C LEU B 131 -8.08 9.64 -23.35
N ALA B 132 -8.36 8.53 -22.66
CA ALA B 132 -9.38 8.49 -21.60
C ALA B 132 -8.98 9.40 -20.47
N SER B 133 -7.70 9.52 -20.19
CA SER B 133 -7.25 10.38 -19.09
C SER B 133 -7.64 11.83 -19.30
N GLN B 134 -7.57 12.29 -20.54
CA GLN B 134 -7.84 13.66 -20.86
C GLN B 134 -9.34 13.93 -20.99
N THR B 135 -10.15 12.92 -21.32
CA THR B 135 -11.56 13.15 -21.67
C THR B 135 -12.61 12.84 -20.62
N LEU B 136 -12.58 11.68 -19.97
CA LEU B 136 -13.59 11.37 -18.95
C LEU B 136 -13.72 12.48 -17.91
N THR B 137 -14.85 12.44 -17.20
CA THR B 137 -15.17 13.43 -16.18
C THR B 137 -14.19 13.20 -15.06
N LYS B 138 -13.92 14.21 -14.24
CA LYS B 138 -12.87 14.06 -13.24
C LYS B 138 -13.12 12.80 -12.40
N GLN B 139 -14.40 12.48 -12.24
CA GLN B 139 -14.85 11.46 -11.30
C GLN B 139 -15.02 10.11 -11.98
N ALA B 140 -15.18 10.13 -13.29
CA ALA B 140 -15.18 8.88 -14.05
C ALA B 140 -13.74 8.39 -14.12
N TRP B 141 -12.83 9.34 -14.21
CA TRP B 141 -11.41 9.10 -14.30
C TRP B 141 -10.86 8.63 -12.96
N ALA B 142 -11.27 9.32 -11.89
CA ALA B 142 -10.84 8.95 -10.53
C ALA B 142 -11.25 7.52 -10.27
N TYR B 143 -12.47 7.19 -10.65
CA TYR B 143 -13.03 5.90 -10.29
C TYR B 143 -12.36 4.78 -11.09
N TYR B 144 -11.87 5.09 -12.29
CA TYR B 144 -11.25 4.05 -13.12
C TYR B 144 -9.77 3.87 -12.74
N SER B 145 -9.03 4.98 -12.70
CA SER B 145 -7.57 4.95 -12.52
C SER B 145 -7.16 4.58 -11.10
N SER B 146 -7.77 5.23 -10.12
CA SER B 146 -7.69 4.85 -8.67
C SER B 146 -7.21 3.49 -8.27
N GLY B 147 -6.45 3.48 -7.19
CA GLY B 147 -6.00 2.27 -6.55
C GLY B 147 -6.12 2.46 -5.05
N ALA B 148 -5.75 1.45 -4.28
CA ALA B 148 -5.83 1.52 -2.83
C ALA B 148 -4.66 2.29 -2.22
N ASN B 149 -5.02 3.28 -1.40
CA ASN B 149 -4.05 4.04 -0.60
C ASN B 149 -2.93 4.72 -1.43
N ASP B 150 -1.71 4.18 -1.36
CA ASP B 150 -0.52 4.77 -1.98
C ASP B 150 -0.27 4.24 -3.37
N GLU B 151 -1.13 3.31 -3.77
CA GLU B 151 -1.13 2.68 -5.09
C GLU B 151 0.10 1.86 -5.45
N VAL B 152 0.90 1.43 -4.47
CA VAL B 152 2.04 0.59 -4.86
C VAL B 152 1.62 -0.71 -5.58
N THR B 153 0.66 -1.46 -5.04
CA THR B 153 0.27 -2.79 -5.61
C THR B 153 -0.26 -2.63 -7.03
N HIS B 154 -1.13 -1.65 -7.23
CA HIS B 154 -1.62 -1.33 -8.58
C HIS B 154 -0.51 -1.20 -9.62
N ARG B 155 0.58 -0.52 -9.24
CA ARG B 155 1.74 -0.34 -10.12
C ARG B 155 2.64 -1.59 -10.16
N GLU B 156 2.99 -2.12 -9.00
CA GLU B 156 3.77 -3.35 -8.89
C GLU B 156 3.15 -4.55 -9.66
N ASN B 157 1.82 -4.58 -9.75
CA ASN B 157 1.10 -5.58 -10.54
C ASN B 157 1.67 -5.60 -11.94
N HIS B 158 1.85 -4.40 -12.50
CA HIS B 158 2.41 -4.26 -13.83
C HIS B 158 3.90 -4.51 -13.84
N ASN B 159 4.62 -3.76 -13.02
CA ASN B 159 6.07 -3.80 -13.08
C ASN B 159 6.61 -5.19 -12.80
N ALA B 160 5.85 -6.06 -12.15
CA ALA B 160 6.42 -7.36 -11.79
C ALA B 160 6.63 -8.25 -13.03
N TYR B 161 5.93 -7.94 -14.13
CA TYR B 161 6.15 -8.66 -15.39
C TYR B 161 7.54 -8.39 -15.91
N HIS B 162 8.06 -7.21 -15.61
CA HIS B 162 9.37 -6.77 -16.03
C HIS B 162 10.51 -7.43 -15.29
N ARG B 163 10.23 -8.13 -14.20
CA ARG B 163 11.29 -8.99 -13.58
C ARG B 163 11.52 -10.34 -14.34
N ILE B 164 10.67 -10.62 -15.31
CA ILE B 164 10.70 -11.85 -16.10
C ILE B 164 11.08 -11.56 -17.57
N PHE B 165 12.07 -12.29 -18.07
CA PHE B 165 12.58 -12.12 -19.43
C PHE B 165 12.39 -13.42 -20.19
N PHE B 166 12.80 -13.45 -21.45
CA PHE B 166 12.56 -14.55 -22.35
C PHE B 166 13.85 -15.26 -22.77
N LYS B 167 13.73 -16.57 -23.02
CA LYS B 167 14.78 -17.37 -23.64
C LYS B 167 14.17 -17.95 -24.92
N PRO B 168 14.09 -17.13 -25.96
CA PRO B 168 13.35 -17.52 -27.16
C PRO B 168 14.05 -18.57 -28.00
N LYS B 169 13.28 -19.50 -28.55
CA LYS B 169 13.79 -20.44 -29.56
C LYS B 169 13.83 -19.76 -30.94
N ILE B 170 14.96 -19.94 -31.61
CA ILE B 170 15.12 -19.59 -33.02
C ILE B 170 15.23 -20.85 -33.89
N LEU B 171 15.06 -20.63 -35.20
CA LEU B 171 15.20 -21.64 -36.22
C LEU B 171 14.07 -22.63 -36.04
N VAL B 172 12.90 -22.05 -35.84
CA VAL B 172 11.64 -22.76 -35.65
C VAL B 172 10.68 -22.22 -36.71
N ASP B 173 9.96 -23.12 -37.37
CA ASP B 173 8.98 -22.69 -38.37
C ASP B 173 7.83 -22.07 -37.62
N VAL B 174 7.67 -20.75 -37.75
CA VAL B 174 6.59 -19.99 -37.11
C VAL B 174 5.71 -19.31 -38.12
N ARG B 175 5.70 -19.79 -39.36
CA ARG B 175 4.81 -19.21 -40.36
C ARG B 175 3.38 -19.16 -39.87
N LYS B 176 2.99 -20.22 -39.16
CA LYS B 176 1.63 -20.40 -38.64
C LYS B 176 1.71 -20.45 -37.14
N VAL B 177 0.88 -19.60 -36.53
CA VAL B 177 0.75 -19.52 -35.09
C VAL B 177 -0.74 -19.58 -34.66
N ASP B 178 -0.99 -20.16 -33.50
CA ASP B 178 -2.35 -20.33 -33.01
C ASP B 178 -2.40 -20.02 -31.52
N ILE B 179 -3.18 -18.99 -31.21
CA ILE B 179 -3.23 -18.43 -29.88
C ILE B 179 -4.52 -18.80 -29.15
N SER B 180 -5.39 -19.59 -29.79
CA SER B 180 -6.64 -19.96 -29.13
C SER B 180 -6.31 -21.05 -28.14
N THR B 181 -7.19 -21.18 -27.15
CA THR B 181 -7.10 -22.22 -26.12
C THR B 181 -8.49 -22.43 -25.47
N ASP B 182 -8.53 -23.26 -24.43
CA ASP B 182 -9.75 -23.56 -23.71
C ASP B 182 -9.71 -22.91 -22.31
N MET B 183 -10.77 -22.18 -21.96
CA MET B 183 -11.02 -21.75 -20.57
C MET B 183 -12.40 -22.18 -20.11
N LEU B 184 -12.47 -23.06 -19.11
CA LEU B 184 -13.70 -23.20 -18.30
C LEU B 184 -14.84 -23.77 -19.15
N GLY B 185 -14.67 -25.03 -19.55
CA GLY B 185 -15.56 -25.67 -20.51
C GLY B 185 -15.41 -25.22 -21.96
N SER B 186 -15.79 -23.99 -22.26
CA SER B 186 -15.70 -23.46 -23.62
C SER B 186 -14.27 -23.39 -24.24
N HIS B 187 -14.22 -23.17 -25.55
CA HIS B 187 -12.97 -23.05 -26.28
C HIS B 187 -12.95 -21.66 -26.87
N VAL B 188 -11.86 -20.92 -26.62
CA VAL B 188 -11.77 -19.49 -26.91
C VAL B 188 -10.67 -19.09 -27.87
N ASP B 189 -10.95 -18.00 -28.59
CA ASP B 189 -10.13 -17.52 -29.71
C ASP B 189 -8.76 -16.98 -29.27
N VAL B 190 -8.78 -16.31 -28.12
CA VAL B 190 -7.60 -15.72 -27.51
C VAL B 190 -7.35 -16.37 -26.14
N PRO B 191 -6.21 -16.11 -25.51
CA PRO B 191 -5.98 -16.56 -24.14
C PRO B 191 -6.22 -15.46 -23.12
N PHE B 192 -6.94 -14.40 -23.48
CA PHE B 192 -7.26 -13.34 -22.54
C PHE B 192 -8.75 -13.05 -22.45
N TYR B 193 -9.15 -12.20 -21.52
CA TYR B 193 -10.57 -11.85 -21.37
C TYR B 193 -10.80 -10.48 -20.77
N VAL B 194 -12.01 -9.93 -20.93
CA VAL B 194 -12.34 -8.70 -20.22
C VAL B 194 -12.74 -9.07 -18.83
N SER B 195 -12.26 -8.32 -17.85
CA SER B 195 -12.61 -8.63 -16.49
C SER B 195 -13.58 -7.60 -15.99
N ALA B 196 -14.24 -8.02 -14.92
CA ALA B 196 -15.23 -7.24 -14.21
C ALA B 196 -14.82 -5.81 -13.89
N THR B 197 -15.28 -4.88 -14.70
CA THR B 197 -15.29 -3.48 -14.32
C THR B 197 -16.73 -3.06 -14.07
N ALA B 198 -16.95 -2.44 -12.93
CA ALA B 198 -18.25 -1.91 -12.56
C ALA B 198 -18.48 -0.54 -13.22
N LEU B 199 -19.74 -0.22 -13.50
CA LEU B 199 -20.14 1.18 -13.73
C LEU B 199 -19.63 1.84 -15.05
N CYS B 200 -19.82 1.14 -16.18
CA CYS B 200 -19.24 1.62 -17.42
C CYS B 200 -20.05 2.72 -18.05
N LYS B 201 -21.16 3.14 -17.43
CA LYS B 201 -21.93 4.29 -17.97
C LYS B 201 -21.26 5.66 -17.64
N LEU B 202 -20.30 5.67 -16.72
CA LEU B 202 -19.56 6.88 -16.36
C LEU B 202 -18.64 7.28 -17.49
N GLY B 203 -18.12 6.27 -18.20
CA GLY B 203 -17.17 6.48 -19.27
C GLY B 203 -17.82 6.48 -20.63
N ASN B 204 -18.60 5.43 -20.88
CA ASN B 204 -19.55 5.33 -22.01
C ASN B 204 -20.98 5.60 -21.53
N PRO B 205 -21.45 6.85 -21.62
CA PRO B 205 -22.80 7.18 -21.11
C PRO B 205 -23.96 6.34 -21.75
N LEU B 206 -24.14 6.37 -23.08
CA LEU B 206 -25.32 5.68 -23.69
C LEU B 206 -25.28 4.14 -23.58
N GLU B 207 -24.19 3.53 -24.05
CA GLU B 207 -24.14 2.07 -24.26
C GLU B 207 -23.52 1.20 -23.14
N GLY B 208 -22.60 1.74 -22.34
CA GLY B 208 -22.00 1.03 -21.21
C GLY B 208 -21.40 -0.36 -21.47
N GLU B 209 -21.72 -1.31 -20.59
CA GLU B 209 -21.16 -2.67 -20.69
C GLU B 209 -21.97 -3.51 -21.68
N LYS B 210 -22.91 -2.86 -22.37
CA LYS B 210 -23.52 -3.44 -23.57
C LYS B 210 -22.46 -3.38 -24.67
N ASP B 211 -21.91 -2.17 -24.90
CA ASP B 211 -20.82 -1.90 -25.86
C ASP B 211 -19.55 -2.74 -25.61
N VAL B 212 -19.35 -3.20 -24.38
CA VAL B 212 -18.28 -4.15 -24.11
C VAL B 212 -18.63 -5.51 -24.78
N ALA B 213 -19.90 -5.95 -24.64
CA ALA B 213 -20.36 -7.21 -25.25
C ALA B 213 -20.37 -7.18 -26.80
N ARG B 214 -20.76 -6.02 -27.35
CA ARG B 214 -20.60 -5.76 -28.78
C ARG B 214 -19.13 -6.03 -29.11
N GLY B 215 -18.26 -5.16 -28.63
CA GLY B 215 -16.82 -5.28 -28.81
C GLY B 215 -16.23 -6.69 -28.78
N CYS B 216 -16.75 -7.56 -27.91
CA CYS B 216 -16.11 -8.87 -27.64
C CYS B 216 -16.35 -9.99 -28.67
N GLY B 217 -17.40 -9.84 -29.48
CA GLY B 217 -17.68 -10.71 -30.63
C GLY B 217 -18.36 -10.00 -31.82
N GLN B 218 -18.07 -8.72 -32.00
CA GLN B 218 -18.58 -7.96 -33.13
C GLN B 218 -17.63 -8.09 -34.33
N GLY B 219 -16.39 -8.50 -34.08
CA GLY B 219 -15.40 -8.67 -35.13
C GLY B 219 -14.98 -10.11 -35.18
N VAL B 220 -13.84 -10.38 -35.80
CA VAL B 220 -13.43 -11.75 -36.11
C VAL B 220 -13.10 -12.50 -34.84
N THR B 221 -12.22 -11.93 -34.03
CA THR B 221 -11.80 -12.59 -32.81
C THR B 221 -12.89 -12.41 -31.72
N LYS B 222 -13.12 -13.47 -30.94
CA LYS B 222 -14.21 -13.56 -29.96
C LYS B 222 -13.69 -13.80 -28.52
N VAL B 223 -13.75 -12.76 -27.69
CA VAL B 223 -13.17 -12.76 -26.34
C VAL B 223 -14.21 -12.90 -25.22
N PRO B 224 -13.92 -13.66 -24.16
CA PRO B 224 -14.86 -13.77 -23.04
C PRO B 224 -15.03 -12.47 -22.26
N GLN B 225 -16.17 -12.34 -21.60
CA GLN B 225 -16.55 -11.12 -20.90
C GLN B 225 -17.11 -11.51 -19.53
N MET B 226 -16.43 -11.07 -18.47
CA MET B 226 -16.91 -11.08 -17.08
C MET B 226 -17.89 -9.91 -16.93
N ILE B 227 -19.01 -10.14 -16.24
CA ILE B 227 -19.97 -9.07 -15.99
C ILE B 227 -20.04 -8.70 -14.51
N SER B 228 -19.80 -7.43 -14.21
CA SER B 228 -19.85 -6.94 -12.83
C SER B 228 -21.26 -7.08 -12.20
N THR B 229 -21.30 -7.53 -10.95
CA THR B 229 -22.51 -7.45 -10.10
C THR B 229 -22.94 -5.99 -9.89
N ALA B 230 -21.96 -5.10 -9.90
CA ALA B 230 -22.22 -3.68 -10.04
C ALA B 230 -22.05 -3.30 -11.51
N ALA B 231 -22.86 -3.89 -12.39
CA ALA B 231 -22.91 -3.45 -13.78
C ALA B 231 -23.92 -2.29 -13.86
N SER B 232 -23.55 -1.22 -14.58
CA SER B 232 -24.49 -0.15 -14.93
C SER B 232 -25.68 -0.66 -15.76
N CYS B 233 -25.49 -1.81 -16.40
CA CYS B 233 -26.55 -2.55 -17.09
C CYS B 233 -27.00 -3.78 -16.31
N SER B 234 -28.16 -4.29 -16.71
CA SER B 234 -28.63 -5.57 -16.21
C SER B 234 -27.85 -6.67 -16.95
N PRO B 235 -27.65 -7.83 -16.30
CA PRO B 235 -27.07 -9.01 -16.97
C PRO B 235 -27.72 -9.31 -18.34
N GLU B 236 -29.06 -9.32 -18.34
CA GLU B 236 -29.90 -9.46 -19.53
C GLU B 236 -29.66 -8.34 -20.62
N GLU B 237 -29.70 -7.04 -20.26
CA GLU B 237 -29.43 -5.91 -21.18
C GLU B 237 -28.20 -6.20 -22.06
N ILE B 238 -27.13 -6.59 -21.35
CA ILE B 238 -25.82 -6.94 -21.91
C ILE B 238 -25.90 -8.13 -22.87
N ILE B 239 -26.37 -9.26 -22.34
CA ILE B 239 -26.26 -10.55 -22.99
C ILE B 239 -26.86 -10.61 -24.42
N GLU B 240 -27.86 -9.77 -24.69
CA GLU B 240 -28.52 -9.74 -26.00
C GLU B 240 -27.97 -8.62 -26.90
N ALA B 241 -27.35 -7.61 -26.29
CA ALA B 241 -26.51 -6.65 -27.04
C ALA B 241 -25.32 -7.37 -27.72
N ALA B 242 -24.98 -8.57 -27.23
CA ALA B 242 -24.02 -9.49 -27.87
C ALA B 242 -24.39 -9.76 -29.34
N PRO B 243 -23.46 -9.58 -30.29
CA PRO B 243 -23.70 -10.01 -31.68
C PRO B 243 -23.39 -11.48 -32.01
N SER B 244 -23.19 -12.36 -31.04
CA SER B 244 -22.94 -13.77 -31.39
C SER B 244 -23.16 -14.71 -30.20
N ASP B 245 -23.81 -15.83 -30.51
CA ASP B 245 -24.08 -16.90 -29.54
C ASP B 245 -22.81 -17.69 -29.30
N LYS B 246 -21.82 -17.54 -30.19
CA LYS B 246 -20.50 -18.15 -29.97
C LYS B 246 -19.70 -17.45 -28.84
N GLN B 247 -19.87 -16.13 -28.65
CA GLN B 247 -19.10 -15.39 -27.63
C GLN B 247 -19.54 -15.78 -26.21
N ILE B 248 -18.59 -16.34 -25.45
CA ILE B 248 -18.83 -16.85 -24.09
C ILE B 248 -18.89 -15.69 -23.09
N GLN B 249 -19.79 -15.82 -22.11
CA GLN B 249 -19.95 -14.83 -21.04
C GLN B 249 -19.77 -15.47 -19.67
N TRP B 250 -19.55 -14.62 -18.68
CA TRP B 250 -19.16 -15.04 -17.34
C TRP B 250 -19.74 -14.04 -16.35
N TYR B 251 -20.25 -14.53 -15.22
CA TYR B 251 -20.82 -13.65 -14.21
C TYR B 251 -19.95 -13.62 -12.97
N GLN B 252 -19.53 -12.42 -12.57
CA GLN B 252 -18.96 -12.21 -11.26
C GLN B 252 -19.97 -11.64 -10.30
N LEU B 253 -19.77 -12.11 -9.08
CA LEU B 253 -20.80 -12.20 -8.08
C LEU B 253 -20.22 -11.71 -6.79
N TYR B 254 -20.87 -10.71 -6.21
CA TYR B 254 -20.76 -10.42 -4.77
C TYR B 254 -21.89 -11.18 -4.09
N VAL B 255 -21.55 -12.21 -3.31
CA VAL B 255 -22.55 -12.82 -2.46
C VAL B 255 -23.01 -11.73 -1.46
N ASN B 256 -24.34 -11.55 -1.39
CA ASN B 256 -25.02 -10.65 -0.46
C ASN B 256 -25.10 -11.28 0.93
N SER B 257 -25.42 -10.48 1.94
CA SER B 257 -25.67 -10.99 3.30
C SER B 257 -27.05 -11.68 3.39
N ASP B 258 -27.99 -11.16 2.60
CA ASP B 258 -29.23 -11.85 2.28
C ASP B 258 -28.88 -12.99 1.31
N ARG B 259 -28.60 -14.17 1.87
CA ARG B 259 -28.37 -15.38 1.04
C ARG B 259 -29.61 -15.73 0.17
N LYS B 260 -30.75 -15.09 0.47
CA LYS B 260 -31.86 -14.98 -0.47
C LYS B 260 -31.32 -14.35 -1.76
N ILE B 261 -31.01 -13.05 -1.75
CA ILE B 261 -30.91 -12.26 -3.02
C ILE B 261 -29.91 -12.85 -4.01
N THR B 262 -28.89 -13.47 -3.45
CA THR B 262 -27.76 -14.02 -4.20
C THR B 262 -28.06 -15.45 -4.72
N ASP B 263 -28.95 -16.14 -4.02
CA ASP B 263 -29.55 -17.35 -4.56
C ASP B 263 -30.47 -17.13 -5.74
N ASP B 264 -31.17 -15.99 -5.78
CA ASP B 264 -32.04 -15.64 -6.90
C ASP B 264 -31.21 -15.31 -8.13
N LEU B 265 -30.10 -14.59 -7.91
CA LEU B 265 -29.17 -14.17 -8.96
C LEU B 265 -28.49 -15.36 -9.62
N VAL B 266 -28.06 -16.35 -8.84
CA VAL B 266 -27.37 -17.51 -9.43
C VAL B 266 -28.32 -18.28 -10.31
N LYS B 267 -29.53 -18.51 -9.81
CA LYS B 267 -30.57 -19.13 -10.63
C LYS B 267 -30.92 -18.25 -11.85
N ASN B 268 -30.96 -16.91 -11.69
CA ASN B 268 -31.30 -16.00 -12.80
C ASN B 268 -30.28 -16.04 -13.95
N VAL B 269 -28.99 -15.99 -13.60
CA VAL B 269 -27.91 -15.90 -14.60
C VAL B 269 -27.69 -17.23 -15.31
N GLU B 270 -27.81 -18.34 -14.56
CA GLU B 270 -27.86 -19.67 -15.17
C GLU B 270 -28.82 -19.65 -16.35
N LYS B 271 -30.05 -19.26 -16.05
CA LYS B 271 -31.12 -19.25 -17.03
C LYS B 271 -30.79 -18.36 -18.23
N LEU B 272 -29.78 -17.49 -18.10
CA LEU B 272 -29.50 -16.44 -19.10
C LEU B 272 -28.29 -16.68 -20.03
N GLY B 273 -27.58 -17.80 -19.86
CA GLY B 273 -26.49 -18.20 -20.76
C GLY B 273 -25.14 -18.44 -20.11
N VAL B 274 -24.73 -17.52 -19.25
CA VAL B 274 -23.40 -17.50 -18.64
C VAL B 274 -22.85 -18.88 -18.28
N LYS B 275 -21.62 -19.15 -18.69
CA LYS B 275 -21.07 -20.48 -18.59
C LYS B 275 -20.26 -20.64 -17.31
N ALA B 276 -20.07 -19.55 -16.57
CA ALA B 276 -19.42 -19.65 -15.26
C ALA B 276 -19.79 -18.56 -14.22
N LEU B 277 -19.37 -18.85 -12.98
CA LEU B 277 -19.58 -17.97 -11.83
C LEU B 277 -18.24 -17.61 -11.20
N PHE B 278 -18.00 -16.31 -11.07
CA PHE B 278 -16.75 -15.77 -10.54
C PHE B 278 -17.10 -15.03 -9.23
N VAL B 279 -16.69 -15.61 -8.11
CA VAL B 279 -17.06 -15.11 -6.79
C VAL B 279 -15.95 -14.27 -6.22
N THR B 280 -16.06 -12.97 -6.32
CA THR B 280 -15.09 -12.05 -5.75
C THR B 280 -15.03 -12.15 -4.20
N VAL B 281 -13.82 -12.30 -3.67
CA VAL B 281 -13.60 -12.55 -2.25
C VAL B 281 -12.53 -11.67 -1.61
N ASP B 282 -12.08 -10.67 -2.36
CA ASP B 282 -10.98 -9.78 -1.94
C ASP B 282 -11.52 -8.38 -1.54
N ALA B 283 -12.85 -8.27 -1.47
CA ALA B 283 -13.49 -7.01 -1.14
C ALA B 283 -14.54 -7.12 -0.01
N PRO B 284 -14.27 -7.89 1.03
CA PRO B 284 -15.17 -7.94 2.19
C PRO B 284 -15.43 -6.52 2.77
N SER B 285 -14.43 -5.66 2.65
CA SER B 285 -14.58 -4.24 2.89
C SER B 285 -14.03 -3.55 1.65
N LEU B 286 -14.73 -2.57 1.10
CA LEU B 286 -14.25 -1.88 -0.11
C LEU B 286 -13.02 -1.03 0.18
N GLY B 287 -12.02 -1.14 -0.69
CA GLY B 287 -10.72 -0.49 -0.50
C GLY B 287 -10.79 1.02 -0.69
N GLN B 288 -9.91 1.70 0.04
CA GLN B 288 -9.87 3.16 0.08
C GLN B 288 -9.14 3.78 -1.10
N ARG B 289 -9.87 4.49 -1.95
CA ARG B 289 -9.33 5.04 -3.21
C ARG B 289 -9.34 6.54 -3.13
N GLU B 290 -8.21 7.12 -2.79
CA GLU B 290 -8.15 8.47 -2.30
C GLU B 290 -8.27 9.50 -3.42
N LYS B 291 -8.03 9.08 -4.64
CA LYS B 291 -8.17 9.98 -5.78
C LYS B 291 -9.62 10.42 -5.94
N ASP B 292 -10.51 9.46 -5.67
CA ASP B 292 -11.96 9.66 -5.58
C ASP B 292 -12.37 10.63 -4.51
N MET B 293 -11.78 10.48 -3.33
CA MET B 293 -12.22 11.19 -2.13
C MET B 293 -11.83 12.66 -2.22
N LYS B 294 -10.55 12.90 -2.52
CA LYS B 294 -10.00 14.25 -2.67
C LYS B 294 -10.91 15.12 -3.55
N LEU B 295 -11.40 14.54 -4.64
CA LEU B 295 -12.33 15.20 -5.56
C LEU B 295 -13.76 15.28 -4.99
N LYS B 296 -14.23 14.15 -4.45
CA LYS B 296 -15.51 14.05 -3.72
C LYS B 296 -15.64 14.98 -2.47
N PHE B 297 -14.59 15.74 -2.12
CA PHE B 297 -14.65 16.80 -1.11
C PHE B 297 -14.68 18.11 -1.86
N ALA B 321 -16.63 1.49 5.28
CA ALA B 321 -16.11 0.73 4.14
C ALA B 321 -16.63 -0.73 4.12
N LEU B 322 -17.58 -1.06 5.02
CA LEU B 322 -18.42 -2.27 4.90
C LEU B 322 -19.74 -1.92 4.19
N SER B 323 -20.18 -2.79 3.26
CA SER B 323 -21.51 -2.72 2.65
C SER B 323 -22.34 -3.94 3.11
N LYS B 324 -23.59 -4.04 2.67
CA LYS B 324 -24.40 -5.26 2.83
C LYS B 324 -24.47 -5.99 1.49
N PHE B 325 -24.39 -5.22 0.40
CA PHE B 325 -24.18 -5.74 -0.96
C PHE B 325 -23.10 -6.83 -0.99
N ILE B 326 -22.07 -6.65 -0.17
CA ILE B 326 -20.94 -7.53 -0.14
C ILE B 326 -20.78 -8.05 1.26
N ASP B 327 -20.90 -9.35 1.42
CA ASP B 327 -20.81 -9.96 2.71
C ASP B 327 -19.34 -10.21 3.15
N PRO B 328 -18.96 -9.65 4.30
CA PRO B 328 -17.68 -9.98 4.94
C PRO B 328 -17.72 -11.22 5.79
N SER B 329 -18.90 -11.78 5.96
CA SER B 329 -19.03 -13.03 6.70
C SER B 329 -18.54 -14.23 5.87
N LEU B 330 -18.30 -14.01 4.57
CA LEU B 330 -18.07 -15.07 3.59
C LEU B 330 -16.96 -16.02 4.00
N THR B 331 -17.21 -17.31 3.80
CA THR B 331 -16.35 -18.37 4.32
C THR B 331 -16.12 -19.40 3.25
N TRP B 332 -15.18 -20.29 3.54
CA TRP B 332 -14.97 -21.46 2.72
C TRP B 332 -16.24 -22.31 2.69
N LYS B 333 -16.78 -22.64 3.86
CA LYS B 333 -18.02 -23.40 3.96
C LYS B 333 -19.14 -22.78 3.11
N ASP B 334 -19.19 -21.44 3.05
CA ASP B 334 -20.22 -20.73 2.26
C ASP B 334 -20.06 -21.02 0.77
N ILE B 335 -18.82 -21.23 0.35
CA ILE B 335 -18.48 -21.60 -1.03
C ILE B 335 -18.83 -23.05 -1.32
N GLU B 336 -18.23 -24.00 -0.60
CA GLU B 336 -18.68 -25.40 -0.58
C GLU B 336 -20.20 -25.55 -0.84
N GLU B 337 -20.98 -24.73 -0.15
CA GLU B 337 -22.42 -24.64 -0.35
C GLU B 337 -22.83 -24.02 -1.70
N LEU B 338 -22.10 -23.03 -2.21
CA LEU B 338 -22.44 -22.46 -3.52
C LEU B 338 -22.21 -23.47 -4.67
N LYS B 339 -21.34 -24.45 -4.43
CA LYS B 339 -21.13 -25.58 -5.35
C LYS B 339 -22.42 -26.35 -5.57
N LYS B 340 -22.99 -26.84 -4.47
CA LYS B 340 -24.21 -27.65 -4.47
C LYS B 340 -25.39 -26.95 -5.14
N LYS B 341 -25.62 -25.68 -4.82
CA LYS B 341 -26.76 -24.93 -5.39
C LYS B 341 -26.59 -24.57 -6.88
N THR B 342 -25.48 -24.98 -7.50
CA THR B 342 -25.30 -24.74 -8.93
C THR B 342 -24.33 -25.65 -9.69
N LYS B 343 -24.60 -25.79 -10.99
CA LYS B 343 -23.78 -26.59 -11.91
C LYS B 343 -22.78 -25.70 -12.67
N LEU B 344 -23.09 -24.40 -12.78
CA LEU B 344 -22.13 -23.41 -13.27
C LEU B 344 -20.78 -23.62 -12.59
N PRO B 345 -19.69 -23.68 -13.36
CA PRO B 345 -18.33 -23.70 -12.77
C PRO B 345 -18.02 -22.45 -11.90
N ILE B 346 -17.24 -22.66 -10.85
CA ILE B 346 -17.06 -21.62 -9.83
C ILE B 346 -15.59 -21.29 -9.69
N VAL B 347 -15.31 -19.99 -9.76
CA VAL B 347 -13.95 -19.48 -9.70
C VAL B 347 -13.89 -18.45 -8.55
N ILE B 348 -13.10 -18.78 -7.54
CA ILE B 348 -12.91 -17.89 -6.41
C ILE B 348 -11.93 -16.81 -6.83
N LYS B 349 -12.47 -15.66 -7.25
CA LYS B 349 -11.69 -14.56 -7.81
C LYS B 349 -11.20 -13.62 -6.75
N GLY B 350 -9.92 -13.68 -6.45
CA GLY B 350 -9.29 -12.76 -5.53
C GLY B 350 -8.24 -13.40 -4.67
N VAL B 351 -7.68 -14.53 -5.09
CA VAL B 351 -6.71 -15.24 -4.26
C VAL B 351 -5.36 -14.52 -4.32
N GLN B 352 -4.61 -14.55 -3.22
CA GLN B 352 -3.40 -13.76 -3.08
C GLN B 352 -2.30 -14.51 -2.36
N ARG B 353 -2.54 -15.78 -2.01
CA ARG B 353 -1.44 -16.68 -1.66
C ARG B 353 -1.65 -18.10 -2.19
N THR B 354 -0.54 -18.81 -2.29
CA THR B 354 -0.54 -20.23 -2.60
C THR B 354 -1.41 -21.02 -1.60
N GLU B 355 -1.37 -20.66 -0.31
CA GLU B 355 -2.01 -21.49 0.71
C GLU B 355 -3.50 -21.60 0.42
N ASP B 356 -4.09 -20.57 -0.16
CA ASP B 356 -5.50 -20.59 -0.55
C ASP B 356 -5.78 -21.11 -1.93
N VAL B 357 -4.77 -21.30 -2.77
CA VAL B 357 -5.06 -21.93 -4.07
C VAL B 357 -5.32 -23.37 -3.72
N ILE B 358 -4.33 -23.99 -3.10
CA ILE B 358 -4.49 -25.29 -2.47
C ILE B 358 -5.87 -25.48 -1.81
N LYS B 359 -6.32 -24.48 -1.05
CA LYS B 359 -7.63 -24.60 -0.40
C LYS B 359 -8.71 -24.73 -1.45
N ALA B 360 -8.71 -23.88 -2.45
CA ALA B 360 -9.71 -23.97 -3.51
C ALA B 360 -9.72 -25.34 -4.20
N ALA B 361 -8.55 -25.97 -4.28
CA ALA B 361 -8.42 -27.30 -4.87
C ALA B 361 -9.05 -28.31 -3.93
N GLU B 362 -8.55 -28.35 -2.70
CA GLU B 362 -9.14 -29.09 -1.57
C GLU B 362 -10.68 -29.07 -1.44
N ILE B 363 -11.37 -28.09 -1.99
CA ILE B 363 -12.81 -28.11 -1.95
C ILE B 363 -13.35 -28.25 -3.37
N GLY B 364 -12.52 -28.84 -4.23
CA GLY B 364 -12.71 -28.86 -5.68
C GLY B 364 -13.63 -27.85 -6.39
N VAL B 365 -13.31 -26.55 -6.31
CA VAL B 365 -13.92 -25.54 -7.20
C VAL B 365 -13.25 -25.65 -8.55
N SER B 366 -13.85 -25.03 -9.56
CA SER B 366 -13.37 -25.15 -10.92
C SER B 366 -12.03 -24.43 -11.07
N GLY B 367 -12.06 -23.10 -10.99
CA GLY B 367 -10.83 -22.32 -11.02
C GLY B 367 -10.69 -21.31 -9.89
N VAL B 368 -9.91 -20.27 -10.20
CA VAL B 368 -9.45 -19.27 -9.23
C VAL B 368 -8.74 -18.14 -9.96
N VAL B 369 -8.98 -16.89 -9.59
CA VAL B 369 -8.21 -15.80 -10.19
C VAL B 369 -7.20 -15.30 -9.17
N LEU B 370 -5.95 -15.21 -9.60
CA LEU B 370 -4.91 -14.68 -8.78
C LEU B 370 -5.04 -13.23 -9.05
N SER B 371 -5.55 -12.51 -8.07
CA SER B 371 -5.94 -11.13 -8.27
C SER B 371 -5.96 -10.38 -6.92
N ASN B 372 -5.75 -9.07 -6.99
CA ASN B 372 -5.82 -8.21 -5.82
C ASN B 372 -6.64 -6.99 -6.25
N HIS B 373 -7.71 -7.32 -6.98
CA HIS B 373 -8.75 -6.38 -7.37
C HIS B 373 -8.20 -5.17 -8.09
N GLY B 374 -7.08 -5.33 -8.81
CA GLY B 374 -6.50 -4.23 -9.57
C GLY B 374 -5.76 -3.21 -8.71
N GLY B 375 -5.11 -3.72 -7.67
CA GLY B 375 -4.43 -2.85 -6.74
C GLY B 375 -5.39 -1.91 -6.02
N ARG B 376 -6.65 -2.35 -5.91
CA ARG B 376 -7.72 -1.54 -5.35
C ARG B 376 -8.20 -1.98 -3.95
N GLN B 377 -7.74 -3.12 -3.46
CA GLN B 377 -8.12 -3.53 -2.11
C GLN B 377 -6.98 -3.37 -1.06
N LEU B 378 -6.06 -4.33 -0.97
CA LEU B 378 -4.99 -4.27 -0.01
C LEU B 378 -3.69 -3.86 -0.68
N ASP B 379 -3.20 -2.67 -0.36
CA ASP B 379 -1.89 -2.22 -0.85
C ASP B 379 -0.80 -3.01 -0.13
N PHE B 380 0.21 -3.39 -0.91
CA PHE B 380 1.22 -4.36 -0.56
C PHE B 380 0.72 -5.77 -0.61
N SER B 381 -0.41 -5.99 -1.26
CA SER B 381 -0.66 -7.33 -1.81
C SER B 381 0.44 -7.57 -2.87
N ARG B 382 0.85 -8.80 -3.12
CA ARG B 382 1.88 -9.01 -4.12
C ARG B 382 1.34 -8.99 -5.53
N ALA B 383 2.24 -8.98 -6.49
CA ALA B 383 1.85 -9.12 -7.87
C ALA B 383 1.40 -10.59 -8.20
N PRO B 384 0.15 -10.75 -8.68
CA PRO B 384 -0.33 -12.01 -9.24
C PRO B 384 0.73 -12.72 -10.07
N ILE B 385 1.47 -12.06 -10.94
CA ILE B 385 2.43 -12.81 -11.76
C ILE B 385 3.47 -13.53 -10.89
N GLU B 386 3.90 -12.88 -9.82
CA GLU B 386 4.83 -13.47 -8.84
C GLU B 386 4.22 -14.57 -7.98
N VAL B 387 2.95 -14.43 -7.62
CA VAL B 387 2.26 -15.49 -6.90
C VAL B 387 2.12 -16.65 -7.87
N LEU B 388 1.52 -16.43 -9.04
CA LEU B 388 1.49 -17.44 -10.09
C LEU B 388 2.76 -18.28 -10.12
N ALA B 389 3.92 -17.67 -10.20
CA ALA B 389 5.15 -18.42 -10.43
C ALA B 389 5.52 -19.25 -9.23
N GLU B 390 5.10 -18.79 -8.06
CA GLU B 390 5.32 -19.52 -6.81
C GLU B 390 4.46 -20.77 -6.72
N THR B 391 3.18 -20.62 -7.12
CA THR B 391 2.13 -21.62 -6.86
C THR B 391 2.00 -22.74 -7.89
N MET B 392 2.34 -22.54 -9.15
CA MET B 392 2.21 -23.60 -10.16
C MET B 392 3.16 -24.78 -9.91
N PRO B 393 4.43 -24.54 -9.56
CA PRO B 393 5.32 -25.62 -9.07
C PRO B 393 4.76 -26.40 -7.88
N ILE B 394 4.09 -25.68 -6.98
CA ILE B 394 3.51 -26.26 -5.76
C ILE B 394 2.28 -27.12 -6.13
N LEU B 395 1.60 -26.78 -7.22
CA LEU B 395 0.50 -27.60 -7.68
C LEU B 395 0.98 -28.89 -8.35
N GLU B 396 2.16 -28.89 -8.97
CA GLU B 396 2.66 -30.13 -9.56
C GLU B 396 3.13 -31.00 -8.41
N GLN B 397 3.83 -30.38 -7.47
CA GLN B 397 4.34 -31.07 -6.29
C GLN B 397 3.25 -31.60 -5.34
N ARG B 398 1.98 -31.40 -5.68
CA ARG B 398 0.84 -31.91 -4.91
C ARG B 398 -0.22 -32.57 -5.79
N ASN B 399 0.11 -32.84 -7.06
CA ASN B 399 -0.78 -33.53 -8.03
C ASN B 399 -1.88 -32.68 -8.62
N LEU B 400 -2.06 -31.48 -8.08
CA LEU B 400 -3.29 -30.72 -8.29
C LEU B 400 -3.29 -29.91 -9.57
N LYS B 401 -2.34 -30.21 -10.47
CA LYS B 401 -2.19 -29.44 -11.71
C LYS B 401 -3.48 -29.43 -12.49
N ASP B 402 -3.94 -30.62 -12.89
CA ASP B 402 -5.14 -30.78 -13.74
C ASP B 402 -6.43 -30.08 -13.21
N LYS B 403 -6.50 -29.95 -11.87
CA LYS B 403 -7.77 -29.86 -11.12
C LYS B 403 -8.40 -28.48 -11.20
N LEU B 404 -7.53 -27.49 -11.33
CA LEU B 404 -7.87 -26.08 -11.11
C LEU B 404 -7.46 -25.22 -12.30
N GLU B 405 -8.37 -24.42 -12.81
CA GLU B 405 -7.96 -23.38 -13.72
C GLU B 405 -7.47 -22.17 -12.90
N VAL B 406 -6.27 -21.67 -13.22
CA VAL B 406 -5.65 -20.56 -12.49
C VAL B 406 -5.53 -19.35 -13.41
N PHE B 407 -6.47 -18.44 -13.29
CA PHE B 407 -6.42 -17.18 -14.00
C PHE B 407 -5.63 -16.09 -13.26
N VAL B 408 -5.46 -14.94 -13.89
CA VAL B 408 -4.48 -13.96 -13.47
C VAL B 408 -4.95 -12.62 -14.03
N ASP B 409 -5.10 -11.64 -13.16
CA ASP B 409 -5.26 -10.27 -13.62
C ASP B 409 -4.33 -9.31 -12.90
N GLY B 410 -4.36 -8.06 -13.37
CA GLY B 410 -3.55 -6.99 -12.80
C GLY B 410 -2.37 -6.57 -13.65
N GLY B 411 -2.33 -5.28 -13.95
CA GLY B 411 -1.20 -4.71 -14.65
C GLY B 411 -0.94 -5.19 -16.06
N VAL B 412 -1.72 -6.13 -16.58
CA VAL B 412 -1.46 -6.70 -17.90
C VAL B 412 -1.81 -5.69 -18.94
N ARG B 413 -0.80 -5.26 -19.71
CA ARG B 413 -0.96 -4.23 -20.72
C ARG B 413 -0.36 -4.58 -22.09
N ARG B 414 0.40 -5.68 -22.18
CA ARG B 414 1.02 -6.11 -23.44
C ARG B 414 0.98 -7.60 -23.60
N GLY B 415 1.10 -8.00 -24.85
CA GLY B 415 1.12 -9.41 -25.17
C GLY B 415 2.30 -10.09 -24.52
N THR B 416 3.42 -9.40 -24.35
CA THR B 416 4.50 -10.11 -23.70
C THR B 416 4.20 -10.44 -22.23
N ASP B 417 3.34 -9.62 -21.60
CA ASP B 417 2.86 -9.88 -20.23
C ASP B 417 2.01 -11.15 -20.24
N VAL B 418 1.01 -11.14 -21.12
CA VAL B 418 0.10 -12.27 -21.34
C VAL B 418 0.87 -13.56 -21.59
N LEU B 419 1.90 -13.51 -22.43
CA LEU B 419 2.76 -14.67 -22.66
C LEU B 419 3.54 -15.15 -21.44
N LYS B 420 3.97 -14.25 -20.57
CA LYS B 420 4.72 -14.65 -19.36
C LYS B 420 3.81 -15.46 -18.44
N ALA B 421 2.55 -15.01 -18.40
CA ALA B 421 1.57 -15.59 -17.49
C ALA B 421 1.30 -17.05 -17.94
N LEU B 422 0.79 -17.17 -19.18
CA LEU B 422 0.60 -18.43 -19.87
C LEU B 422 1.83 -19.34 -19.73
N CYS B 423 3.00 -18.84 -20.11
CA CYS B 423 4.25 -19.60 -19.89
C CYS B 423 4.40 -20.20 -18.50
N LEU B 424 3.98 -19.44 -17.50
CA LEU B 424 4.10 -19.86 -16.10
C LEU B 424 2.99 -20.87 -15.64
N GLY B 425 1.82 -20.85 -16.31
CA GLY B 425 0.72 -21.74 -16.02
C GLY B 425 -0.67 -21.17 -16.16
N ALA B 426 -0.78 -19.87 -16.32
CA ALA B 426 -2.08 -19.20 -16.28
C ALA B 426 -2.98 -19.80 -17.35
N LYS B 427 -4.22 -20.12 -17.02
CA LYS B 427 -5.08 -20.70 -18.04
C LYS B 427 -5.63 -19.55 -18.87
N GLY B 428 -5.58 -18.35 -18.32
CA GLY B 428 -6.12 -17.19 -19.01
C GLY B 428 -5.86 -15.93 -18.23
N VAL B 429 -5.74 -14.80 -18.92
CA VAL B 429 -5.32 -13.59 -18.21
C VAL B 429 -6.25 -12.40 -18.50
N GLY B 430 -6.77 -11.85 -17.39
CA GLY B 430 -7.74 -10.76 -17.40
C GLY B 430 -7.12 -9.38 -17.35
N LEU B 431 -7.76 -8.48 -18.06
CA LEU B 431 -7.39 -7.08 -18.11
C LEU B 431 -8.67 -6.32 -17.83
N GLY B 432 -8.61 -5.34 -16.94
CA GLY B 432 -9.77 -4.53 -16.62
C GLY B 432 -9.62 -3.18 -17.27
N ARG B 433 -8.97 -2.27 -16.56
CA ARG B 433 -8.88 -0.88 -16.95
C ARG B 433 -8.68 -0.58 -18.45
N PRO B 434 -7.80 -1.28 -19.15
CA PRO B 434 -7.58 -0.99 -20.57
C PRO B 434 -8.87 -0.99 -21.41
N PHE B 435 -9.74 -2.00 -21.20
CA PHE B 435 -11.01 -2.12 -21.95
C PHE B 435 -12.04 -1.09 -21.54
N LEU B 436 -11.96 -0.67 -20.29
CA LEU B 436 -12.71 0.50 -19.87
C LEU B 436 -12.22 1.66 -20.71
N TYR B 437 -10.91 1.89 -20.73
CA TYR B 437 -10.41 3.12 -21.31
C TYR B 437 -10.70 3.21 -22.80
N ALA B 438 -10.71 2.05 -23.47
CA ALA B 438 -10.96 1.99 -24.92
C ALA B 438 -12.42 2.28 -25.21
N ASN B 439 -13.29 1.48 -24.59
CA ASN B 439 -14.74 1.72 -24.52
C ASN B 439 -15.11 3.17 -24.16
N SER B 440 -14.54 3.69 -23.09
CA SER B 440 -14.80 5.05 -22.65
C SER B 440 -14.53 6.09 -23.73
N CYS B 441 -13.82 5.72 -24.77
CA CYS B 441 -13.25 6.67 -25.74
C CYS B 441 -13.81 6.48 -27.12
N TYR B 442 -14.14 5.23 -27.46
CA TYR B 442 -14.48 4.80 -28.84
C TYR B 442 -15.56 3.71 -28.81
N GLY B 443 -16.24 3.58 -27.68
CA GLY B 443 -17.25 2.54 -27.49
C GLY B 443 -16.85 1.14 -27.89
N ARG B 444 -17.81 0.35 -28.37
CA ARG B 444 -17.63 -1.07 -28.71
C ARG B 444 -16.50 -1.27 -29.72
N ASN B 445 -16.31 -0.27 -30.59
CA ASN B 445 -15.28 -0.30 -31.62
C ASN B 445 -13.91 -0.19 -31.00
N GLY B 446 -13.75 0.79 -30.10
CA GLY B 446 -12.61 0.83 -29.18
C GLY B 446 -12.29 -0.52 -28.55
N VAL B 447 -13.27 -1.16 -27.95
CA VAL B 447 -13.07 -2.45 -27.29
C VAL B 447 -12.54 -3.53 -28.25
N GLU B 448 -12.93 -3.47 -29.51
CA GLU B 448 -12.52 -4.49 -30.46
C GLU B 448 -11.10 -4.23 -30.89
N LYS B 449 -10.80 -3.00 -31.25
CA LYS B 449 -9.47 -2.63 -31.69
C LYS B 449 -8.49 -3.05 -30.62
N ALA B 450 -8.86 -2.76 -29.37
CA ALA B 450 -8.08 -3.10 -28.19
C ALA B 450 -7.89 -4.58 -28.07
N ILE B 451 -8.94 -5.34 -28.36
CA ILE B 451 -8.83 -6.78 -28.51
C ILE B 451 -7.85 -7.20 -29.61
N GLU B 452 -8.03 -6.67 -30.82
CA GLU B 452 -7.14 -7.02 -31.92
C GLU B 452 -5.71 -6.61 -31.59
N ILE B 453 -5.52 -5.41 -31.03
CA ILE B 453 -4.19 -4.87 -30.64
C ILE B 453 -3.44 -5.91 -29.83
N LEU B 454 -4.09 -6.38 -28.78
CA LEU B 454 -3.53 -7.38 -27.90
C LEU B 454 -3.31 -8.76 -28.59
N ARG B 455 -4.21 -9.14 -29.49
CA ARG B 455 -4.10 -10.38 -30.24
C ARG B 455 -2.84 -10.40 -31.10
N ASP B 456 -2.51 -9.25 -31.68
CA ASP B 456 -1.39 -9.11 -32.59
C ASP B 456 -0.06 -9.06 -31.87
N GLU B 457 -0.06 -8.36 -30.74
CA GLU B 457 1.04 -8.41 -29.79
C GLU B 457 1.33 -9.83 -29.38
N ILE B 458 0.29 -10.65 -29.14
CA ILE B 458 0.49 -12.01 -28.64
C ILE B 458 1.00 -12.94 -29.73
N GLU B 459 0.59 -12.63 -30.94
CA GLU B 459 0.88 -13.49 -32.07
C GLU B 459 2.31 -13.27 -32.52
N MET B 460 2.75 -12.02 -32.44
CA MET B 460 4.09 -11.70 -32.91
C MET B 460 5.12 -12.22 -31.91
N SER B 461 4.84 -12.07 -30.63
CA SER B 461 5.85 -12.35 -29.62
C SER B 461 6.02 -13.85 -29.44
N MET B 462 4.96 -14.57 -29.83
CA MET B 462 4.96 -16.03 -29.87
C MET B 462 5.92 -16.50 -30.91
N ARG B 463 5.80 -15.86 -32.06
CA ARG B 463 6.58 -16.13 -33.26
C ARG B 463 8.05 -15.91 -33.00
N LEU B 464 8.31 -14.78 -32.34
CA LEU B 464 9.65 -14.41 -31.95
C LEU B 464 10.11 -15.22 -30.74
N LEU B 465 9.17 -15.76 -30.00
CA LEU B 465 9.48 -16.68 -28.94
C LEU B 465 9.85 -18.03 -29.49
N GLY B 466 9.36 -18.33 -30.70
CA GLY B 466 9.55 -19.62 -31.34
C GLY B 466 8.69 -20.79 -30.85
N VAL B 467 7.40 -20.55 -30.65
CA VAL B 467 6.39 -21.57 -30.39
C VAL B 467 5.08 -21.21 -31.12
N THR B 468 4.21 -22.21 -31.33
CA THR B 468 3.09 -22.09 -32.30
C THR B 468 1.71 -22.41 -31.72
N SER B 469 1.69 -22.94 -30.50
CA SER B 469 0.44 -23.08 -29.77
C SER B 469 0.65 -22.67 -28.32
N ILE B 470 -0.43 -22.22 -27.70
CA ILE B 470 -0.47 -21.98 -26.25
C ILE B 470 0.02 -23.16 -25.40
N ALA B 471 -0.26 -24.40 -25.78
CA ALA B 471 0.25 -25.53 -25.01
C ALA B 471 1.81 -25.64 -24.97
N GLU B 472 2.50 -25.04 -25.95
CA GLU B 472 3.96 -25.05 -25.93
C GLU B 472 4.52 -23.86 -25.13
N LEU B 473 3.68 -22.89 -24.78
CA LEU B 473 4.08 -21.86 -23.84
C LEU B 473 4.35 -22.46 -22.42
N LYS B 474 5.62 -22.74 -22.12
CA LYS B 474 5.99 -23.36 -20.87
C LYS B 474 6.99 -22.47 -20.11
N PRO B 475 7.34 -22.83 -18.86
CA PRO B 475 8.42 -22.18 -18.12
C PRO B 475 9.78 -22.16 -18.77
N ASP B 476 10.13 -23.13 -19.62
CA ASP B 476 11.50 -23.20 -20.20
C ASP B 476 11.72 -22.10 -21.24
N LEU B 477 10.63 -21.40 -21.59
CA LEU B 477 10.70 -20.19 -22.41
C LEU B 477 11.07 -18.93 -21.63
N LEU B 478 10.94 -18.97 -20.29
CA LEU B 478 11.08 -17.79 -19.46
C LEU B 478 12.38 -17.86 -18.76
N ASP B 479 13.04 -16.72 -18.60
CA ASP B 479 14.17 -16.59 -17.66
C ASP B 479 13.56 -16.10 -16.37
N LEU B 480 13.64 -16.90 -15.32
CA LEU B 480 13.05 -16.49 -14.05
C LEU B 480 14.07 -16.15 -12.97
N SER B 481 15.36 -16.04 -13.32
CA SER B 481 16.45 -15.84 -12.36
C SER B 481 16.34 -14.58 -11.48
N THR B 482 15.51 -13.63 -11.86
CA THR B 482 15.44 -12.38 -11.13
C THR B 482 14.00 -11.99 -10.77
N LEU B 483 13.11 -12.98 -10.72
CA LEU B 483 11.73 -12.78 -10.26
C LEU B 483 11.62 -12.05 -8.95
N LYS B 484 12.62 -12.27 -8.10
CA LYS B 484 12.57 -11.88 -6.71
C LYS B 484 13.38 -10.60 -6.41
N ALA B 485 13.74 -9.87 -7.47
CA ALA B 485 14.54 -8.66 -7.38
C ALA B 485 13.58 -7.44 -7.26
N ARG B 486 12.65 -7.58 -6.34
CA ARG B 486 11.74 -6.51 -5.99
C ARG B 486 12.54 -5.72 -4.96
N THR B 487 13.08 -4.59 -5.39
CA THR B 487 14.07 -3.88 -4.58
C THR B 487 13.51 -2.56 -4.08
N VAL B 488 14.01 -2.11 -2.92
CA VAL B 488 13.87 -0.72 -2.52
C VAL B 488 15.27 -0.12 -2.32
N GLY B 489 15.66 0.84 -3.15
CA GLY B 489 16.97 1.44 -3.05
C GLY B 489 17.06 2.34 -1.85
N VAL B 490 18.28 2.59 -1.40
CA VAL B 490 18.47 3.48 -0.26
C VAL B 490 18.26 4.87 -0.79
N PRO B 491 17.78 5.78 0.03
CA PRO B 491 17.40 7.10 -0.47
C PRO B 491 18.59 7.86 -1.04
N ASN B 492 18.29 8.67 -2.06
CA ASN B 492 19.30 9.38 -2.86
C ASN B 492 20.14 10.39 -2.08
N ASP B 493 21.45 10.43 -2.28
CA ASP B 493 22.28 11.41 -1.55
C ASP B 493 22.04 12.79 -2.18
N VAL B 494 21.15 13.56 -1.58
CA VAL B 494 20.61 14.74 -2.26
C VAL B 494 21.69 15.71 -2.65
N LEU B 495 22.63 15.92 -1.73
CA LEU B 495 23.68 16.94 -1.84
C LEU B 495 24.74 16.57 -2.86
N TYR B 496 25.16 15.33 -2.78
CA TYR B 496 26.16 14.77 -3.65
C TYR B 496 25.65 14.88 -5.09
N ASN B 497 24.36 14.67 -5.28
CA ASN B 497 23.81 14.58 -6.62
C ASN B 497 23.46 15.97 -7.16
N GLU B 498 23.11 16.89 -6.27
CA GLU B 498 22.82 18.28 -6.65
C GLU B 498 24.09 18.92 -7.15
N VAL B 499 25.22 18.76 -6.45
CA VAL B 499 26.45 19.43 -6.92
C VAL B 499 27.20 18.71 -8.04
N TYR B 500 26.85 17.44 -8.25
CA TYR B 500 27.45 16.69 -9.34
C TYR B 500 26.96 17.35 -10.59
N GLU B 501 27.84 17.41 -11.58
CA GLU B 501 27.50 17.72 -12.94
C GLU B 501 27.90 16.54 -13.81
N GLY B 502 26.94 16.06 -14.61
CA GLY B 502 27.23 15.00 -15.55
C GLY B 502 28.07 15.49 -16.71
N PRO B 503 28.56 14.53 -17.48
CA PRO B 503 29.08 14.80 -18.80
C PRO B 503 28.01 15.40 -19.70
N THR B 504 28.48 15.96 -20.80
CA THR B 504 27.69 16.81 -21.68
C THR B 504 27.92 16.37 -23.13
N LEU B 505 26.88 16.41 -23.95
CA LEU B 505 27.05 16.11 -25.36
C LEU B 505 27.69 17.28 -26.17
N THR B 506 28.49 16.92 -27.17
CA THR B 506 29.09 17.90 -28.10
C THR B 506 28.01 18.69 -28.80
N GLU B 507 28.35 19.87 -29.31
CA GLU B 507 27.36 20.95 -29.34
C GLU B 507 26.69 21.56 -30.57
N PHE B 508 27.34 21.77 -31.73
CA PHE B 508 26.78 22.65 -32.82
C PHE B 508 27.37 24.07 -32.58
N GLU B 509 26.98 25.14 -33.30
CA GLU B 509 27.77 26.39 -33.18
C GLU B 509 27.23 27.87 -33.15
N ASP B 510 27.15 28.52 -34.31
CA ASP B 510 26.94 29.95 -34.33
C ASP B 510 25.98 30.37 -35.45
N ALA B 511 26.55 30.93 -36.52
CA ALA B 511 25.80 31.47 -37.66
C ALA B 511 24.52 30.71 -37.98
N1 FMN C . 12.69 11.35 21.36
C2 FMN C . 13.00 11.39 22.69
O2 FMN C . 13.26 10.44 23.40
N3 FMN C . 13.02 12.67 23.29
C4 FMN C . 12.78 13.85 22.67
O4 FMN C . 12.83 14.91 23.27
C4A FMN C . 12.45 13.75 21.25
N5 FMN C . 12.24 14.85 20.58
C5A FMN C . 11.96 14.81 19.25
C6 FMN C . 11.67 15.97 18.54
C7 FMN C . 11.40 16.01 17.20
C7M FMN C . 10.89 17.26 16.53
C8 FMN C . 11.30 14.75 16.57
C8M FMN C . 10.98 14.58 15.09
C9 FMN C . 11.56 13.58 17.22
C9A FMN C . 11.89 13.54 18.57
N10 FMN C . 12.15 12.40 19.31
C10 FMN C . 12.45 12.43 20.67
C1' FMN C . 12.12 11.08 18.67
C2' FMN C . 10.81 10.42 18.65
O2' FMN C . 10.29 10.15 19.94
C3' FMN C . 10.56 9.37 17.57
O3' FMN C . 11.50 8.32 17.88
C4' FMN C . 10.51 9.81 16.13
O4' FMN C . 9.66 10.92 15.97
C5' FMN C . 10.10 8.57 15.35
O5' FMN C . 10.12 8.98 14.01
P FMN C . 9.05 9.59 13.01
O1P FMN C . 8.95 11.10 13.26
O2P FMN C . 7.76 8.87 13.40
O3P FMN C . 9.47 9.09 11.64
O1B 173 D . 15.03 17.53 18.93
C1 173 D . 15.12 16.35 19.31
O1A 173 D . 15.11 15.34 18.55
C2 173 D . 15.33 16.04 20.78
O2 173 D . 15.09 14.88 21.07
C1G 173 D . 15.82 16.94 21.75
C2D 173 D . 15.80 18.32 21.65
C2E 173 D . 16.33 19.15 22.64
C3 173 D . 16.90 18.63 23.78
C1E 173 D . 16.93 17.26 23.90
C1D 173 D . 16.41 16.44 22.89
N1 FMN E . -13.64 -6.65 -9.75
C2 FMN E . -14.60 -7.42 -9.24
O2 FMN E . -14.51 -8.59 -8.93
N3 FMN E . -15.82 -6.79 -9.05
C4 FMN E . -16.12 -5.51 -9.32
O4 FMN E . -17.26 -5.16 -9.08
C4A FMN E . -15.01 -4.70 -9.87
N5 FMN E . -15.14 -3.42 -10.20
C5A FMN E . -14.07 -2.70 -10.73
C6 FMN E . -14.12 -1.34 -11.12
C7 FMN E . -13.05 -0.62 -11.61
C7M FMN E . -13.13 0.68 -12.33
C8 FMN E . -11.86 -1.34 -11.79
C8M FMN E . -10.61 -0.67 -12.33
C9 FMN E . -11.76 -2.66 -11.45
C9A FMN E . -12.81 -3.37 -10.92
N10 FMN E . -12.73 -4.67 -10.56
C10 FMN E . -13.79 -5.40 -10.03
C1' FMN E . -11.47 -5.38 -10.73
C2' FMN E . -11.31 -6.28 -11.94
O2' FMN E . -12.33 -7.24 -12.29
C3' FMN E . -9.85 -6.64 -12.14
O3' FMN E . -9.69 -7.59 -11.05
C4' FMN E . -8.83 -5.54 -12.29
O4' FMN E . -9.38 -4.49 -13.02
C5' FMN E . -7.56 -6.19 -12.82
O5' FMN E . -6.62 -5.16 -12.93
P FMN E . -6.27 -4.14 -14.07
O1P FMN E . -7.36 -3.09 -14.23
O2P FMN E . -6.28 -5.12 -15.22
O3P FMN E . -4.86 -3.63 -13.84
O1B 173 F . -15.07 -0.54 -8.03
C1 173 F . -14.77 -1.65 -7.52
O1A 173 F . -13.56 -2.02 -7.37
C2 173 F . -15.84 -2.66 -7.05
O2 173 F . -15.41 -3.83 -6.93
C1G 173 F . -17.21 -2.37 -6.75
C2D 173 F . -17.87 -1.17 -7.03
C2E 173 F . -19.23 -0.95 -6.70
C3 173 F . -19.98 -1.95 -6.06
C1E 173 F . -19.36 -3.16 -5.75
C1D 173 F . -18.00 -3.35 -6.09
#